data_2OLK
#
_entry.id   2OLK
#
_cell.length_a   87.290
_cell.length_b   54.117
_cell.length_c   106.006
_cell.angle_alpha   90.00
_cell.angle_beta   90.15
_cell.angle_gamma   90.00
#
_symmetry.space_group_name_H-M   'P 1 21 1'
#
loop_
_entity.id
_entity.type
_entity.pdbx_description
1 polymer 'Amino acid ABC transporter'
2 non-polymer "5'-O-[(R)-HYDROXY(THIOPHOSPHONOOXY)PHOSPHORYL]ADENOSINE"
3 water water
#
_entity_poly.entity_id   1
_entity_poly.type   'polypeptide(L)'
_entity_poly.pdbx_seq_one_letter_code
;MGSSHHHHHHSSGLVPRGSHMLQMIDVHQLKKSFGSLEVLKGINVHIREGEVVVVIGPSGSGKSTFLRCLNLLEDFDEGE
IIIDGINLKAKDTNLNKVREEVGMVFQRFNLFPHMTVLNNITLAPMKVRKWPREKAEAKAMELLDKVGLKDKAHAYPDSL
SGGQAQRVAIARALAMEPKIMLFDEPTSALDPEMVGEVLSVMKQLANEGMTMVVVTHEMGFAREVGDRVLFMDGGYIIEE
GKPEDLFDRPQHERTKAFLSKVF
;
_entity_poly.pdbx_strand_id   A,B,C,D
#
# COMPACT_ATOMS: atom_id res chain seq x y z
N LEU A 22 -4.99 7.95 -27.61
CA LEU A 22 -4.69 6.95 -26.53
C LEU A 22 -3.22 6.96 -26.14
N GLN A 23 -2.36 7.21 -27.12
CA GLN A 23 -0.93 7.24 -26.84
C GLN A 23 -0.24 8.47 -27.37
N MET A 24 0.58 9.07 -26.53
CA MET A 24 1.36 10.24 -26.89
C MET A 24 2.46 9.78 -27.85
N ILE A 25 2.98 8.58 -27.61
CA ILE A 25 4.02 8.01 -28.45
C ILE A 25 3.55 6.64 -28.90
N ASP A 26 3.39 6.48 -30.22
CA ASP A 26 2.93 5.22 -30.80
C ASP A 26 4.01 4.73 -31.76
N VAL A 27 4.63 3.59 -31.44
CA VAL A 27 5.69 3.04 -32.28
C VAL A 27 5.31 1.63 -32.73
N HIS A 28 5.32 1.40 -34.04
CA HIS A 28 4.93 0.11 -34.56
C HIS A 28 5.93 -0.50 -35.53
N GLN A 29 6.38 -1.72 -35.22
CA GLN A 29 7.31 -2.46 -36.07
C GLN A 29 8.43 -1.59 -36.59
N LEU A 30 9.01 -0.79 -35.70
CA LEU A 30 10.10 0.10 -36.06
C LEU A 30 11.39 -0.64 -36.34
N LYS A 31 12.00 -0.35 -37.49
CA LYS A 31 13.26 -0.97 -37.88
C LYS A 31 14.23 0.08 -38.34
N LYS A 32 15.50 -0.10 -37.95
CA LYS A 32 16.55 0.83 -38.32
C LYS A 32 17.81 0.04 -38.57
N SER A 33 18.33 0.16 -39.79
CA SER A 33 19.54 -0.55 -40.15
C SER A 33 20.55 0.46 -40.69
N PHE A 34 21.83 0.09 -40.60
CA PHE A 34 22.91 0.91 -41.12
C PHE A 34 23.50 0.01 -42.19
N GLY A 35 22.78 -0.10 -43.29
CA GLY A 35 23.20 -0.95 -44.39
C GLY A 35 23.12 -2.39 -43.93
N SER A 36 24.25 -2.90 -43.47
CA SER A 36 24.35 -4.28 -42.99
C SER A 36 23.84 -4.43 -41.56
N LEU A 37 24.29 -3.52 -40.69
CA LEU A 37 23.92 -3.52 -39.28
C LEU A 37 22.47 -3.11 -39.01
N GLU A 38 21.66 -4.04 -38.53
CA GLU A 38 20.27 -3.69 -38.19
C GLU A 38 20.25 -3.41 -36.70
N VAL A 39 20.11 -2.13 -36.34
CA VAL A 39 20.09 -1.71 -34.96
C VAL A 39 18.75 -1.95 -34.28
N LEU A 40 17.66 -1.58 -34.94
CA LEU A 40 16.34 -1.80 -34.40
C LEU A 40 15.72 -2.88 -35.28
N LYS A 41 15.38 -4.00 -34.65
CA LYS A 41 14.83 -5.15 -35.38
C LYS A 41 13.31 -5.25 -35.33
N GLY A 42 12.63 -4.13 -35.16
CA GLY A 42 11.19 -4.18 -35.10
C GLY A 42 10.68 -4.09 -33.68
N ILE A 43 10.55 -2.87 -33.18
CA ILE A 43 10.07 -2.68 -31.82
C ILE A 43 8.73 -1.96 -31.84
N ASN A 44 7.91 -2.29 -30.86
CA ASN A 44 6.60 -1.69 -30.75
C ASN A 44 6.50 -1.07 -29.38
N VAL A 45 6.00 0.16 -29.32
CA VAL A 45 5.87 0.83 -28.05
C VAL A 45 4.65 1.73 -27.99
N HIS A 46 3.99 1.69 -26.84
CA HIS A 46 2.81 2.52 -26.58
C HIS A 46 3.08 3.25 -25.26
N ILE A 47 3.17 4.56 -25.33
CA ILE A 47 3.42 5.38 -24.15
C ILE A 47 2.29 6.39 -24.09
N ARG A 48 1.58 6.39 -22.97
CA ARG A 48 0.46 7.29 -22.81
C ARG A 48 0.92 8.64 -22.33
N GLU A 49 0.07 9.65 -22.52
CA GLU A 49 0.40 11.00 -22.09
C GLU A 49 0.52 10.96 -20.57
N GLY A 50 1.64 11.49 -20.06
CA GLY A 50 1.85 11.52 -18.62
C GLY A 50 2.66 10.37 -18.06
N GLU A 51 2.94 9.36 -18.87
CA GLU A 51 3.73 8.24 -18.38
C GLU A 51 5.21 8.55 -18.46
N VAL A 52 5.95 7.87 -17.60
CA VAL A 52 7.39 7.97 -17.56
C VAL A 52 7.85 6.57 -17.86
N VAL A 53 8.56 6.43 -18.96
CA VAL A 53 9.07 5.14 -19.37
C VAL A 53 10.59 5.10 -19.27
N VAL A 54 11.12 4.11 -18.57
CA VAL A 54 12.56 3.96 -18.43
C VAL A 54 13.03 2.83 -19.35
N VAL A 55 14.12 3.07 -20.07
CA VAL A 55 14.67 2.08 -20.99
C VAL A 55 16.01 1.60 -20.47
N ILE A 56 16.16 0.29 -20.29
CA ILE A 56 17.43 -0.27 -19.82
C ILE A 56 17.82 -1.41 -20.73
N GLY A 57 19.08 -1.84 -20.65
CA GLY A 57 19.52 -2.92 -21.48
C GLY A 57 20.99 -2.87 -21.85
N PRO A 58 21.55 -3.98 -22.36
CA PRO A 58 22.95 -4.12 -22.77
C PRO A 58 23.37 -3.04 -23.76
N SER A 59 24.67 -2.80 -23.84
CA SER A 59 25.17 -1.81 -24.77
C SER A 59 24.98 -2.36 -26.18
N GLY A 60 24.76 -1.46 -27.14
CA GLY A 60 24.57 -1.85 -28.52
C GLY A 60 23.18 -2.38 -28.85
N SER A 61 22.24 -2.20 -27.92
CA SER A 61 20.88 -2.68 -28.12
C SER A 61 19.98 -1.72 -28.89
N GLY A 62 20.45 -0.51 -29.14
CA GLY A 62 19.65 0.44 -29.89
C GLY A 62 18.81 1.40 -29.07
N LYS A 63 19.02 1.42 -27.75
CA LYS A 63 18.27 2.29 -26.86
C LYS A 63 18.39 3.75 -27.31
N SER A 64 19.61 4.23 -27.51
CA SER A 64 19.82 5.60 -27.93
C SER A 64 19.31 5.90 -29.33
N THR A 65 19.52 4.97 -30.24
CA THR A 65 19.06 5.15 -31.61
C THR A 65 17.55 5.30 -31.58
N PHE A 66 16.91 4.47 -30.75
CA PHE A 66 15.46 4.52 -30.58
C PHE A 66 15.03 5.95 -30.22
N LEU A 67 15.62 6.53 -29.18
CA LEU A 67 15.25 7.89 -28.76
C LEU A 67 15.43 8.89 -29.88
N ARG A 68 16.56 8.81 -30.57
CA ARG A 68 16.85 9.73 -31.66
C ARG A 68 15.86 9.59 -32.82
N CYS A 69 15.13 8.48 -32.88
CA CYS A 69 14.12 8.32 -33.91
C CYS A 69 12.86 9.07 -33.47
N LEU A 70 12.60 9.06 -32.17
CA LEU A 70 11.43 9.75 -31.63
C LEU A 70 11.57 11.27 -31.77
N ASN A 71 12.81 11.73 -31.86
CA ASN A 71 13.08 13.16 -31.96
C ASN A 71 13.45 13.59 -33.38
N LEU A 72 13.17 12.73 -34.34
CA LEU A 72 13.48 13.01 -35.74
C LEU A 72 14.95 13.37 -35.94
N LEU A 73 15.82 12.81 -35.09
CA LEU A 73 17.25 13.07 -35.23
C LEU A 73 17.83 11.94 -36.03
N GLU A 74 17.06 10.86 -36.14
CA GLU A 74 17.47 9.68 -36.87
C GLU A 74 16.29 9.25 -37.73
N ASP A 75 16.56 8.85 -38.96
CA ASP A 75 15.50 8.38 -39.83
C ASP A 75 15.44 6.86 -39.68
N PHE A 76 14.29 6.26 -39.94
CA PHE A 76 14.14 4.83 -39.81
C PHE A 76 13.69 4.20 -41.12
N ASP A 77 14.06 2.94 -41.31
CA ASP A 77 13.76 2.21 -42.53
C ASP A 77 12.36 1.62 -42.62
N GLU A 78 11.86 1.10 -41.51
CA GLU A 78 10.54 0.48 -41.52
C GLU A 78 9.77 0.75 -40.23
N GLY A 79 8.48 0.43 -40.24
CA GLY A 79 7.67 0.66 -39.07
C GLY A 79 7.01 2.02 -39.12
N GLU A 80 6.34 2.40 -38.04
CA GLU A 80 5.66 3.68 -38.01
C GLU A 80 5.76 4.36 -36.65
N ILE A 81 5.85 5.69 -36.66
CA ILE A 81 5.95 6.45 -35.43
C ILE A 81 5.01 7.64 -35.44
N ILE A 82 4.17 7.72 -34.41
CA ILE A 82 3.22 8.80 -34.30
C ILE A 82 3.43 9.47 -32.94
N ILE A 83 3.76 10.75 -32.97
CA ILE A 83 3.98 11.50 -31.75
C ILE A 83 2.88 12.55 -31.61
N ASP A 84 2.17 12.48 -30.50
CA ASP A 84 1.08 13.40 -30.22
C ASP A 84 0.15 13.49 -31.43
N GLY A 85 -0.17 12.34 -32.02
CA GLY A 85 -1.06 12.33 -33.17
C GLY A 85 -0.45 12.74 -34.50
N ILE A 86 0.84 13.07 -34.50
CA ILE A 86 1.52 13.46 -35.72
C ILE A 86 2.41 12.33 -36.21
N ASN A 87 2.16 11.87 -37.44
CA ASN A 87 2.95 10.80 -38.01
C ASN A 87 4.32 11.38 -38.40
N LEU A 88 5.38 10.60 -38.20
CA LEU A 88 6.72 11.09 -38.52
C LEU A 88 7.06 10.97 -40.00
N LYS A 89 6.07 10.60 -40.79
CA LYS A 89 6.23 10.50 -42.22
C LYS A 89 5.22 11.43 -42.91
N ALA A 90 4.74 12.42 -42.17
CA ALA A 90 3.80 13.41 -42.68
C ALA A 90 4.64 14.53 -43.29
N LYS A 91 4.00 15.54 -43.87
CA LYS A 91 4.73 16.66 -44.47
C LYS A 91 5.63 17.35 -43.44
N ASP A 92 6.79 17.82 -43.90
CA ASP A 92 7.75 18.49 -43.04
C ASP A 92 7.14 19.53 -42.13
N THR A 93 6.21 20.30 -42.67
CA THR A 93 5.52 21.35 -41.93
C THR A 93 4.93 20.78 -40.64
N ASN A 94 4.51 19.53 -40.67
CA ASN A 94 3.95 18.86 -39.50
C ASN A 94 5.07 18.33 -38.63
N LEU A 95 6.14 17.90 -39.28
CA LEU A 95 7.31 17.36 -38.59
C LEU A 95 7.93 18.45 -37.73
N ASN A 96 7.79 19.70 -38.16
CA ASN A 96 8.33 20.82 -37.41
C ASN A 96 7.62 20.97 -36.06
N LYS A 97 6.34 20.67 -36.01
CA LYS A 97 5.65 20.79 -34.75
C LYS A 97 6.09 19.63 -33.85
N VAL A 98 6.46 18.51 -34.46
CA VAL A 98 6.93 17.38 -33.66
C VAL A 98 8.26 17.79 -33.04
N ARG A 99 9.13 18.35 -33.87
CA ARG A 99 10.44 18.79 -33.41
C ARG A 99 10.28 19.73 -32.22
N GLU A 100 9.42 20.73 -32.36
CA GLU A 100 9.19 21.70 -31.30
C GLU A 100 8.58 21.11 -30.04
N GLU A 101 7.73 20.11 -30.20
CA GLU A 101 7.05 19.49 -29.05
C GLU A 101 7.81 18.43 -28.30
N VAL A 102 8.95 18.02 -28.84
CA VAL A 102 9.77 16.98 -28.22
C VAL A 102 11.07 17.60 -27.73
N GLY A 103 11.34 17.43 -26.45
CA GLY A 103 12.56 17.96 -25.88
C GLY A 103 13.49 16.79 -25.59
N MET A 104 14.80 17.05 -25.64
CA MET A 104 15.77 15.99 -25.39
C MET A 104 17.01 16.47 -24.64
N VAL A 105 17.48 15.61 -23.75
CA VAL A 105 18.67 15.89 -22.95
C VAL A 105 19.63 14.74 -23.18
N PHE A 106 20.86 15.09 -23.54
CA PHE A 106 21.90 14.11 -23.81
C PHE A 106 22.79 13.89 -22.59
N GLN A 107 23.70 12.94 -22.72
CA GLN A 107 24.62 12.61 -21.63
C GLN A 107 25.40 13.86 -21.24
N ARG A 108 25.77 14.65 -22.24
CA ARG A 108 26.51 15.90 -22.04
C ARG A 108 26.39 16.70 -23.32
N PHE A 109 27.08 17.83 -23.39
CA PHE A 109 27.01 18.63 -24.62
C PHE A 109 25.58 19.08 -24.97
N ASN A 110 24.88 19.68 -24.01
CA ASN A 110 23.53 20.16 -24.28
C ASN A 110 23.53 21.66 -24.40
N LEU A 111 24.58 22.27 -23.87
CA LEU A 111 24.71 23.71 -23.85
C LEU A 111 25.80 24.25 -24.79
N PHE A 112 25.65 25.51 -25.19
CA PHE A 112 26.65 26.16 -26.02
C PHE A 112 27.61 26.73 -24.99
N PRO A 113 28.84 26.19 -24.93
CA PRO A 113 29.82 26.68 -23.95
C PRO A 113 30.16 28.17 -23.98
N HIS A 114 30.06 28.80 -25.14
CA HIS A 114 30.40 30.22 -25.24
C HIS A 114 29.20 31.13 -25.06
N MET A 115 28.20 30.64 -24.33
CA MET A 115 26.96 31.40 -24.14
C MET A 115 26.50 31.31 -22.68
N THR A 116 25.90 32.37 -22.14
CA THR A 116 25.46 32.31 -20.76
C THR A 116 24.27 31.34 -20.58
N VAL A 117 23.97 31.01 -19.33
CA VAL A 117 22.86 30.12 -19.00
C VAL A 117 21.55 30.66 -19.54
N LEU A 118 21.29 31.94 -19.29
CA LEU A 118 20.05 32.58 -19.74
C LEU A 118 19.92 32.52 -21.25
N ASN A 119 20.98 32.93 -21.96
CA ASN A 119 20.95 32.94 -23.42
C ASN A 119 20.84 31.54 -24.02
N ASN A 120 21.37 30.54 -23.33
CA ASN A 120 21.29 29.17 -23.82
C ASN A 120 19.82 28.76 -23.79
N ILE A 121 19.14 29.13 -22.72
CA ILE A 121 17.75 28.77 -22.58
C ILE A 121 16.81 29.47 -23.56
N THR A 122 16.99 30.77 -23.76
CA THR A 122 16.11 31.52 -24.66
C THR A 122 16.40 31.40 -26.16
N LEU A 123 17.60 30.95 -26.51
CA LEU A 123 17.97 30.84 -27.92
C LEU A 123 16.88 30.21 -28.82
N ALA A 124 16.50 28.97 -28.56
CA ALA A 124 15.49 28.29 -29.38
C ALA A 124 14.08 28.90 -29.33
N PRO A 125 13.56 29.21 -28.13
CA PRO A 125 12.23 29.79 -28.07
C PRO A 125 12.11 31.01 -28.99
N MET A 126 13.08 31.90 -28.90
CA MET A 126 13.10 33.11 -29.71
C MET A 126 13.31 32.83 -31.20
N LYS A 127 14.30 32.00 -31.49
CA LYS A 127 14.64 31.65 -32.87
C LYS A 127 13.61 30.76 -33.56
N VAL A 128 13.10 29.77 -32.83
CA VAL A 128 12.13 28.85 -33.40
C VAL A 128 10.67 29.20 -33.13
N ARG A 129 10.31 29.45 -31.87
CA ARG A 129 8.92 29.78 -31.56
C ARG A 129 8.61 31.26 -31.78
N LYS A 130 9.59 31.99 -32.29
CA LYS A 130 9.43 33.42 -32.56
C LYS A 130 8.96 34.19 -31.33
N TRP A 131 9.28 33.68 -30.15
CA TRP A 131 8.91 34.36 -28.93
C TRP A 131 9.73 35.64 -28.81
N PRO A 132 9.17 36.68 -28.20
CA PRO A 132 9.92 37.93 -28.05
C PRO A 132 10.90 37.79 -26.89
N ARG A 133 11.93 38.64 -26.86
CA ARG A 133 12.94 38.56 -25.81
C ARG A 133 12.40 38.52 -24.38
N GLU A 134 11.53 39.46 -24.04
CA GLU A 134 10.96 39.54 -22.69
C GLU A 134 10.20 38.31 -22.24
N LYS A 135 9.41 37.72 -23.14
CA LYS A 135 8.64 36.53 -22.82
C LYS A 135 9.57 35.34 -22.67
N ALA A 136 10.56 35.25 -23.54
CA ALA A 136 11.52 34.14 -23.49
C ALA A 136 12.35 34.16 -22.21
N GLU A 137 12.82 35.34 -21.81
CA GLU A 137 13.63 35.46 -20.60
C GLU A 137 12.82 35.22 -19.35
N ALA A 138 11.57 35.68 -19.32
CA ALA A 138 10.71 35.45 -18.16
C ALA A 138 10.55 33.95 -17.97
N LYS A 139 10.16 33.27 -19.04
CA LYS A 139 9.97 31.82 -18.98
C LYS A 139 11.29 31.16 -18.54
N ALA A 140 12.40 31.56 -19.14
CA ALA A 140 13.70 31.00 -18.80
C ALA A 140 14.04 31.19 -17.32
N MET A 141 13.65 32.33 -16.75
CA MET A 141 13.92 32.60 -15.34
C MET A 141 13.05 31.72 -14.43
N GLU A 142 11.81 31.49 -14.82
CA GLU A 142 10.93 30.65 -14.02
C GLU A 142 11.50 29.23 -14.07
N LEU A 143 11.99 28.85 -15.23
CA LEU A 143 12.57 27.52 -15.40
C LEU A 143 13.85 27.36 -14.58
N LEU A 144 14.63 28.43 -14.48
CA LEU A 144 15.84 28.36 -13.67
C LEU A 144 15.45 28.17 -12.21
N ASP A 145 14.29 28.72 -11.83
CA ASP A 145 13.80 28.56 -10.48
C ASP A 145 13.40 27.10 -10.29
N LYS A 146 12.75 26.54 -11.30
CA LYS A 146 12.31 25.16 -11.26
C LYS A 146 13.46 24.20 -11.02
N VAL A 147 14.62 24.45 -11.65
CA VAL A 147 15.76 23.57 -11.47
C VAL A 147 16.72 24.03 -10.37
N GLY A 148 16.36 25.12 -9.70
CA GLY A 148 17.17 25.63 -8.59
C GLY A 148 18.44 26.39 -8.92
N LEU A 149 18.53 26.98 -10.10
CA LEU A 149 19.73 27.70 -10.49
C LEU A 149 19.45 29.13 -10.95
N LYS A 150 18.56 29.81 -10.24
CA LYS A 150 18.19 31.18 -10.56
C LYS A 150 19.42 32.09 -10.62
N ASP A 151 20.24 32.01 -9.59
CA ASP A 151 21.45 32.83 -9.49
C ASP A 151 22.52 32.51 -10.53
N LYS A 152 22.31 31.48 -11.34
CA LYS A 152 23.31 31.12 -12.34
C LYS A 152 22.95 31.62 -13.74
N ALA A 153 21.87 32.39 -13.82
CA ALA A 153 21.38 32.92 -15.09
C ALA A 153 22.42 33.55 -15.98
N HIS A 154 23.38 34.24 -15.38
CA HIS A 154 24.39 34.92 -16.16
C HIS A 154 25.75 34.26 -16.17
N ALA A 155 25.83 33.06 -15.60
CA ALA A 155 27.08 32.30 -15.58
C ALA A 155 27.26 31.60 -16.91
N TYR A 156 28.46 31.10 -17.15
CA TYR A 156 28.77 30.36 -18.38
C TYR A 156 28.92 28.90 -17.95
N PRO A 157 28.69 27.95 -18.87
CA PRO A 157 28.79 26.52 -18.58
C PRO A 157 30.09 26.12 -17.87
N ASP A 158 31.19 26.78 -18.23
CA ASP A 158 32.49 26.50 -17.61
C ASP A 158 32.50 26.81 -16.12
N SER A 159 31.47 27.53 -15.65
CA SER A 159 31.36 27.89 -14.24
C SER A 159 30.29 27.10 -13.49
N LEU A 160 29.79 26.05 -14.12
CA LEU A 160 28.78 25.21 -13.49
C LEU A 160 29.38 23.84 -13.24
N SER A 161 28.92 23.17 -12.20
CA SER A 161 29.39 21.83 -11.92
C SER A 161 28.64 20.97 -12.96
N GLY A 162 29.07 19.72 -13.13
CA GLY A 162 28.42 18.86 -14.10
C GLY A 162 26.95 18.66 -13.76
N GLY A 163 26.65 18.68 -12.47
CA GLY A 163 25.28 18.50 -12.01
C GLY A 163 24.42 19.70 -12.32
N GLN A 164 24.98 20.89 -12.20
CA GLN A 164 24.23 22.11 -12.50
C GLN A 164 24.09 22.28 -14.01
N ALA A 165 25.07 21.79 -14.76
CA ALA A 165 25.02 21.91 -16.21
C ALA A 165 23.88 21.06 -16.78
N GLN A 166 23.73 19.85 -16.25
CA GLN A 166 22.67 18.96 -16.70
C GLN A 166 21.31 19.51 -16.34
N ARG A 167 21.23 20.21 -15.20
CA ARG A 167 19.96 20.81 -14.78
C ARG A 167 19.63 21.96 -15.71
N VAL A 168 20.65 22.72 -16.10
CA VAL A 168 20.42 23.83 -17.01
C VAL A 168 19.98 23.24 -18.35
N ALA A 169 20.55 22.09 -18.71
CA ALA A 169 20.21 21.41 -19.95
C ALA A 169 18.71 21.12 -19.97
N ILE A 170 18.19 20.72 -18.82
CA ILE A 170 16.77 20.40 -18.67
C ILE A 170 15.93 21.66 -18.84
N ALA A 171 16.33 22.75 -18.18
CA ALA A 171 15.59 23.99 -18.27
C ALA A 171 15.62 24.46 -19.73
N ARG A 172 16.75 24.24 -20.40
CA ARG A 172 16.87 24.64 -21.80
C ARG A 172 15.89 23.83 -22.67
N ALA A 173 15.87 22.51 -22.48
CA ALA A 173 14.97 21.66 -23.26
C ALA A 173 13.52 22.03 -22.96
N LEU A 174 13.23 22.36 -21.71
CA LEU A 174 11.89 22.74 -21.30
C LEU A 174 11.42 24.10 -21.83
N ALA A 175 12.35 25.01 -22.12
CA ALA A 175 11.99 26.36 -22.58
C ALA A 175 11.09 26.39 -23.80
N MET A 176 11.10 25.32 -24.58
CA MET A 176 10.28 25.19 -25.78
C MET A 176 8.84 24.72 -25.45
N GLU A 177 8.56 24.49 -24.19
CA GLU A 177 7.25 24.02 -23.74
C GLU A 177 6.84 22.74 -24.49
N PRO A 178 7.71 21.72 -24.47
CA PRO A 178 7.46 20.44 -25.13
C PRO A 178 6.43 19.61 -24.38
N LYS A 179 5.79 18.68 -25.09
CA LYS A 179 4.81 17.80 -24.49
C LYS A 179 5.51 16.51 -24.09
N ILE A 180 6.71 16.32 -24.61
CA ILE A 180 7.50 15.11 -24.33
C ILE A 180 8.95 15.47 -24.03
N MET A 181 9.56 14.76 -23.08
CA MET A 181 10.97 14.99 -22.75
C MET A 181 11.75 13.68 -22.87
N LEU A 182 12.77 13.70 -23.72
CA LEU A 182 13.62 12.52 -23.92
C LEU A 182 14.92 12.73 -23.16
N PHE A 183 15.40 11.69 -22.49
CA PHE A 183 16.64 11.76 -21.71
C PHE A 183 17.51 10.58 -22.08
N ASP A 184 18.69 10.83 -22.61
CA ASP A 184 19.59 9.74 -22.96
C ASP A 184 20.75 9.70 -21.96
N GLU A 185 20.62 8.82 -20.97
CA GLU A 185 21.63 8.63 -19.91
C GLU A 185 22.05 9.99 -19.40
N PRO A 186 21.07 10.82 -19.01
CA PRO A 186 21.25 12.19 -18.51
C PRO A 186 22.23 12.42 -17.35
N THR A 187 22.40 11.42 -16.49
CA THR A 187 23.32 11.57 -15.37
C THR A 187 24.54 10.64 -15.48
N SER A 188 24.59 9.82 -16.52
CA SER A 188 25.68 8.87 -16.68
C SER A 188 27.11 9.41 -16.75
N ALA A 189 27.29 10.65 -17.19
CA ALA A 189 28.63 11.22 -17.27
C ALA A 189 28.97 11.92 -15.95
N LEU A 190 28.07 11.85 -15.00
CA LEU A 190 28.25 12.52 -13.72
C LEU A 190 28.77 11.68 -12.57
N ASP A 191 29.50 12.33 -11.69
CA ASP A 191 30.03 11.73 -10.48
C ASP A 191 28.80 11.34 -9.67
N PRO A 192 28.88 10.25 -8.90
CA PRO A 192 27.74 9.82 -8.08
C PRO A 192 27.19 10.95 -7.22
N GLU A 193 28.07 11.81 -6.74
CA GLU A 193 27.67 12.92 -5.88
C GLU A 193 26.81 13.95 -6.59
N MET A 194 26.97 14.01 -7.91
CA MET A 194 26.23 14.97 -8.75
C MET A 194 25.00 14.42 -9.43
N VAL A 195 24.70 13.14 -9.21
CA VAL A 195 23.56 12.51 -9.85
C VAL A 195 22.22 12.84 -9.20
N GLY A 196 22.20 12.88 -7.88
CA GLY A 196 20.97 13.17 -7.16
C GLY A 196 20.24 14.45 -7.52
N GLU A 197 20.98 15.55 -7.64
CA GLU A 197 20.34 16.82 -7.97
C GLU A 197 19.66 16.79 -9.32
N VAL A 198 20.21 16.06 -10.28
CA VAL A 198 19.60 15.97 -11.60
C VAL A 198 18.36 15.09 -11.55
N LEU A 199 18.47 13.96 -10.85
CA LEU A 199 17.35 13.02 -10.70
C LEU A 199 16.21 13.70 -9.95
N SER A 200 16.56 14.52 -8.98
CA SER A 200 15.58 15.25 -8.19
C SER A 200 14.74 16.14 -9.11
N VAL A 201 15.39 16.81 -10.05
CA VAL A 201 14.68 17.68 -10.99
C VAL A 201 13.80 16.84 -11.93
N MET A 202 14.33 15.72 -12.41
CA MET A 202 13.56 14.86 -13.30
C MET A 202 12.34 14.29 -12.59
N LYS A 203 12.48 14.03 -11.30
CA LYS A 203 11.37 13.51 -10.49
C LYS A 203 10.29 14.58 -10.37
N GLN A 204 10.69 15.83 -10.17
CA GLN A 204 9.74 16.92 -10.07
C GLN A 204 8.99 17.06 -11.38
N LEU A 205 9.72 16.89 -12.48
CA LEU A 205 9.11 16.98 -13.80
C LEU A 205 8.09 15.86 -13.98
N ALA A 206 8.42 14.67 -13.46
CA ALA A 206 7.52 13.52 -13.55
C ALA A 206 6.25 13.77 -12.75
N ASN A 207 6.38 14.40 -11.58
CA ASN A 207 5.24 14.68 -10.72
C ASN A 207 4.29 15.71 -11.32
N GLU A 208 4.81 16.53 -12.25
CA GLU A 208 3.99 17.55 -12.88
C GLU A 208 3.24 16.98 -14.06
N GLY A 209 3.45 15.71 -14.35
CA GLY A 209 2.74 15.06 -15.45
C GLY A 209 3.36 15.05 -16.83
N MET A 210 4.66 15.27 -16.94
CA MET A 210 5.33 15.28 -18.23
C MET A 210 5.50 13.85 -18.79
N THR A 211 5.25 13.67 -20.09
CA THR A 211 5.44 12.37 -20.71
C THR A 211 6.96 12.31 -20.85
N MET A 212 7.57 11.27 -20.29
CA MET A 212 9.02 11.13 -20.33
C MET A 212 9.50 9.77 -20.78
N VAL A 213 10.57 9.78 -21.57
CA VAL A 213 11.20 8.54 -22.02
C VAL A 213 12.65 8.70 -21.56
N VAL A 214 13.02 7.88 -20.57
CA VAL A 214 14.35 7.96 -19.97
C VAL A 214 15.24 6.73 -20.10
N VAL A 215 16.32 6.86 -20.86
CA VAL A 215 17.30 5.78 -21.00
C VAL A 215 18.30 6.06 -19.85
N THR A 216 18.33 5.18 -18.85
CA THR A 216 19.24 5.40 -17.72
C THR A 216 19.63 4.12 -17.00
N HIS A 217 20.66 4.23 -16.15
CA HIS A 217 21.13 3.11 -15.35
C HIS A 217 20.74 3.33 -13.89
N GLU A 218 20.09 4.46 -13.60
CA GLU A 218 19.68 4.76 -12.25
C GLU A 218 18.40 3.97 -11.95
N MET A 219 18.59 2.74 -11.50
CA MET A 219 17.48 1.85 -11.21
C MET A 219 16.58 2.31 -10.06
N GLY A 220 17.18 2.92 -9.03
CA GLY A 220 16.38 3.39 -7.92
C GLY A 220 15.41 4.45 -8.41
N PHE A 221 15.91 5.32 -9.29
CA PHE A 221 15.10 6.39 -9.85
C PHE A 221 13.93 5.77 -10.61
N ALA A 222 14.21 4.72 -11.38
CA ALA A 222 13.19 4.03 -12.16
C ALA A 222 12.08 3.46 -11.28
N ARG A 223 12.45 2.86 -10.15
CA ARG A 223 11.47 2.28 -9.26
C ARG A 223 10.56 3.35 -8.66
N GLU A 224 11.11 4.52 -8.37
CA GLU A 224 10.30 5.58 -7.79
C GLU A 224 9.48 6.42 -8.76
N VAL A 225 10.09 6.78 -9.88
CA VAL A 225 9.45 7.64 -10.87
C VAL A 225 8.88 6.98 -12.13
N GLY A 226 9.42 5.83 -12.53
CA GLY A 226 8.93 5.20 -13.75
C GLY A 226 7.59 4.48 -13.66
N ASP A 227 6.79 4.59 -14.72
CA ASP A 227 5.50 3.92 -14.75
C ASP A 227 5.74 2.56 -15.39
N ARG A 228 6.60 2.53 -16.40
CA ARG A 228 6.91 1.30 -17.09
C ARG A 228 8.39 1.25 -17.41
N VAL A 229 8.90 0.04 -17.56
CA VAL A 229 10.29 -0.13 -17.91
C VAL A 229 10.34 -0.96 -19.18
N LEU A 230 11.23 -0.59 -20.10
CA LEU A 230 11.38 -1.33 -21.33
C LEU A 230 12.76 -1.95 -21.33
N PHE A 231 12.82 -3.28 -21.40
CA PHE A 231 14.09 -3.96 -21.45
C PHE A 231 14.42 -4.23 -22.92
N MET A 232 15.49 -3.62 -23.41
CA MET A 232 15.91 -3.80 -24.80
C MET A 232 17.19 -4.61 -24.87
N ASP A 233 17.23 -5.55 -25.80
CA ASP A 233 18.40 -6.39 -25.99
C ASP A 233 18.54 -6.72 -27.47
N GLY A 234 19.64 -6.28 -28.07
CA GLY A 234 19.89 -6.55 -29.48
C GLY A 234 18.87 -6.07 -30.50
N GLY A 235 18.33 -4.87 -30.33
CA GLY A 235 17.37 -4.34 -31.28
C GLY A 235 15.92 -4.75 -31.07
N TYR A 236 15.66 -5.47 -29.99
CA TYR A 236 14.32 -5.94 -29.66
C TYR A 236 13.93 -5.49 -28.26
N ILE A 237 12.63 -5.29 -28.04
CA ILE A 237 12.12 -4.96 -26.72
C ILE A 237 11.85 -6.38 -26.19
N ILE A 238 12.73 -6.91 -25.34
CA ILE A 238 12.50 -8.27 -24.86
C ILE A 238 11.45 -8.40 -23.77
N GLU A 239 11.39 -7.43 -22.88
CA GLU A 239 10.41 -7.46 -21.80
C GLU A 239 9.97 -6.04 -21.50
N GLU A 240 8.75 -5.90 -20.99
CA GLU A 240 8.18 -4.61 -20.67
C GLU A 240 7.36 -4.83 -19.41
N GLY A 241 7.33 -3.85 -18.51
CA GLY A 241 6.54 -4.02 -17.31
C GLY A 241 6.74 -2.96 -16.26
N LYS A 242 5.96 -3.06 -15.19
CA LYS A 242 6.03 -2.15 -14.05
C LYS A 242 7.43 -2.34 -13.48
N PRO A 243 8.10 -1.25 -13.07
CA PRO A 243 9.47 -1.36 -12.52
C PRO A 243 9.67 -2.50 -11.52
N GLU A 244 8.84 -2.54 -10.49
CA GLU A 244 8.98 -3.58 -9.47
C GLU A 244 8.88 -4.98 -10.08
N ASP A 245 7.94 -5.17 -11.00
CA ASP A 245 7.75 -6.46 -11.63
C ASP A 245 8.92 -6.90 -12.49
N LEU A 246 9.36 -6.03 -13.40
CA LEU A 246 10.46 -6.38 -14.29
C LEU A 246 11.78 -6.48 -13.56
N PHE A 247 11.97 -5.65 -12.54
CA PHE A 247 13.21 -5.67 -11.77
C PHE A 247 13.29 -6.85 -10.82
N ASP A 248 12.27 -7.01 -9.99
CA ASP A 248 12.26 -8.08 -9.01
C ASP A 248 11.83 -9.45 -9.50
N ARG A 249 10.90 -9.50 -10.45
CA ARG A 249 10.47 -10.79 -10.96
C ARG A 249 10.44 -10.83 -12.49
N PRO A 250 11.62 -10.70 -13.11
CA PRO A 250 11.76 -10.73 -14.57
C PRO A 250 11.28 -12.06 -15.11
N GLN A 251 10.51 -12.02 -16.20
CA GLN A 251 9.97 -13.25 -16.75
C GLN A 251 10.83 -13.93 -17.82
N HIS A 252 11.54 -13.15 -18.63
CA HIS A 252 12.37 -13.71 -19.69
C HIS A 252 13.82 -13.93 -19.23
N GLU A 253 14.51 -14.87 -19.88
CA GLU A 253 15.89 -15.18 -19.51
C GLU A 253 16.90 -14.08 -19.83
N ARG A 254 16.80 -13.48 -21.01
CA ARG A 254 17.73 -12.39 -21.37
C ARG A 254 17.59 -11.26 -20.36
N THR A 255 16.37 -11.05 -19.86
CA THR A 255 16.17 -9.99 -18.88
C THR A 255 16.90 -10.37 -17.61
N LYS A 256 16.73 -11.62 -17.17
CA LYS A 256 17.37 -12.11 -15.96
C LYS A 256 18.88 -11.97 -16.10
N ALA A 257 19.39 -12.30 -17.27
CA ALA A 257 20.82 -12.25 -17.51
C ALA A 257 21.36 -10.83 -17.36
N PHE A 258 20.65 -9.85 -17.92
CA PHE A 258 21.09 -8.47 -17.83
C PHE A 258 21.05 -7.99 -16.39
N LEU A 259 19.97 -8.30 -15.69
CA LEU A 259 19.81 -7.89 -14.30
C LEU A 259 20.84 -8.52 -13.35
N SER A 260 21.35 -9.69 -13.69
CA SER A 260 22.34 -10.35 -12.85
C SER A 260 23.66 -9.61 -12.91
N LYS A 261 23.75 -8.63 -13.79
CA LYS A 261 24.96 -7.82 -13.95
C LYS A 261 24.75 -6.42 -13.37
N VAL A 262 23.49 -6.10 -13.08
CA VAL A 262 23.15 -4.80 -12.53
C VAL A 262 22.86 -4.90 -11.05
N PHE A 263 22.28 -6.03 -10.64
CA PHE A 263 21.92 -6.27 -9.25
C PHE A 263 22.76 -7.40 -8.63
N LEU B 22 1.50 -6.02 -26.88
CA LEU B 22 1.56 -4.69 -26.19
C LEU B 22 0.43 -4.51 -25.17
N GLN B 23 -0.79 -4.89 -25.55
CA GLN B 23 -1.95 -4.75 -24.68
C GLN B 23 -2.67 -6.08 -24.44
N MET B 24 -3.16 -6.27 -23.22
CA MET B 24 -3.91 -7.47 -22.87
C MET B 24 -5.35 -7.25 -23.36
N ILE B 25 -5.75 -5.98 -23.40
CA ILE B 25 -7.09 -5.62 -23.86
C ILE B 25 -6.94 -4.43 -24.81
N ASP B 26 -7.43 -4.61 -26.04
CA ASP B 26 -7.35 -3.60 -27.08
C ASP B 26 -8.75 -3.39 -27.63
N VAL B 27 -9.32 -2.21 -27.40
CA VAL B 27 -10.66 -1.89 -27.87
C VAL B 27 -10.56 -0.67 -28.78
N HIS B 28 -11.12 -0.79 -29.98
CA HIS B 28 -11.07 0.30 -30.94
C HIS B 28 -12.44 0.70 -31.43
N GLN B 29 -12.81 1.96 -31.22
CA GLN B 29 -14.08 2.48 -31.70
C GLN B 29 -15.27 1.55 -31.45
N LEU B 30 -15.33 0.97 -30.26
CA LEU B 30 -16.43 0.06 -29.92
C LEU B 30 -17.75 0.79 -29.82
N LYS B 31 -18.77 0.29 -30.51
CA LYS B 31 -20.11 0.87 -30.46
C LYS B 31 -21.10 -0.24 -30.14
N LYS B 32 -22.12 0.08 -29.36
CA LYS B 32 -23.11 -0.90 -28.99
C LYS B 32 -24.46 -0.26 -28.75
N SER B 33 -25.49 -0.82 -29.39
CA SER B 33 -26.84 -0.31 -29.25
C SER B 33 -27.78 -1.40 -28.78
N PHE B 34 -28.87 -0.96 -28.17
CA PHE B 34 -29.91 -1.86 -27.70
C PHE B 34 -31.14 -1.31 -28.41
N GLY B 35 -31.26 -1.70 -29.67
CA GLY B 35 -32.36 -1.23 -30.49
C GLY B 35 -32.05 0.17 -30.98
N SER B 36 -32.86 1.13 -30.55
CA SER B 36 -32.72 2.52 -30.92
C SER B 36 -31.69 3.24 -30.03
N LEU B 37 -31.48 2.70 -28.84
CA LEU B 37 -30.56 3.29 -27.86
C LEU B 37 -29.10 2.89 -28.04
N GLU B 38 -28.26 3.85 -28.42
CA GLU B 38 -26.84 3.56 -28.56
C GLU B 38 -26.26 3.83 -27.17
N VAL B 39 -25.62 2.81 -26.60
CA VAL B 39 -25.04 2.90 -25.26
C VAL B 39 -23.55 3.21 -25.31
N LEU B 40 -22.81 2.46 -26.12
CA LEU B 40 -21.38 2.69 -26.27
C LEU B 40 -21.27 3.39 -27.63
N LYS B 41 -20.72 4.60 -27.62
CA LYS B 41 -20.63 5.38 -28.84
C LYS B 41 -19.29 5.48 -29.55
N GLY B 42 -18.34 4.65 -29.19
CA GLY B 42 -17.03 4.71 -29.83
C GLY B 42 -15.92 4.67 -28.80
N ILE B 43 -15.97 3.63 -27.98
CA ILE B 43 -15.00 3.41 -26.92
C ILE B 43 -13.66 2.97 -27.48
N ASN B 44 -12.58 3.54 -26.93
CA ASN B 44 -11.22 3.19 -27.33
C ASN B 44 -10.48 2.94 -26.04
N VAL B 45 -9.90 1.76 -25.91
CA VAL B 45 -9.18 1.41 -24.68
C VAL B 45 -7.98 0.52 -24.92
N HIS B 46 -6.90 0.81 -24.19
CA HIS B 46 -5.67 0.05 -24.22
C HIS B 46 -5.32 -0.26 -22.77
N ILE B 47 -5.28 -1.54 -22.42
CA ILE B 47 -4.96 -2.00 -21.08
C ILE B 47 -3.84 -3.03 -21.16
N ARG B 48 -2.75 -2.77 -20.46
CA ARG B 48 -1.62 -3.67 -20.49
C ARG B 48 -1.74 -4.80 -19.48
N GLU B 49 -1.07 -5.91 -19.77
CA GLU B 49 -1.12 -7.05 -18.89
C GLU B 49 -0.60 -6.63 -17.52
N GLY B 50 -1.30 -7.05 -16.48
CA GLY B 50 -0.88 -6.70 -15.14
C GLY B 50 -1.41 -5.35 -14.68
N GLU B 51 -2.07 -4.60 -15.56
CA GLU B 51 -2.62 -3.31 -15.17
C GLU B 51 -4.00 -3.41 -14.54
N VAL B 52 -4.22 -2.58 -13.53
CA VAL B 52 -5.51 -2.51 -12.83
C VAL B 52 -6.17 -1.22 -13.32
N VAL B 53 -7.22 -1.36 -14.12
CA VAL B 53 -7.91 -0.19 -14.64
C VAL B 53 -9.26 -0.03 -13.94
N VAL B 54 -9.49 1.15 -13.36
CA VAL B 54 -10.73 1.48 -12.67
C VAL B 54 -11.60 2.35 -13.56
N VAL B 55 -12.87 1.97 -13.69
CA VAL B 55 -13.82 2.70 -14.53
C VAL B 55 -14.86 3.41 -13.67
N ILE B 56 -15.01 4.71 -13.88
CA ILE B 56 -15.98 5.51 -13.15
C ILE B 56 -16.79 6.35 -14.14
N GLY B 57 -17.88 6.93 -13.66
CA GLY B 57 -18.71 7.74 -14.52
C GLY B 57 -20.17 7.67 -14.11
N PRO B 58 -21.00 8.63 -14.54
CA PRO B 58 -22.42 8.63 -14.19
C PRO B 58 -23.11 7.35 -14.67
N SER B 59 -24.23 7.02 -14.04
CA SER B 59 -24.95 5.81 -14.42
C SER B 59 -25.55 5.99 -15.81
N GLY B 60 -25.73 4.88 -16.51
CA GLY B 60 -26.28 4.94 -17.84
C GLY B 60 -25.21 5.22 -18.88
N SER B 61 -23.97 5.39 -18.42
CA SER B 61 -22.85 5.66 -19.33
C SER B 61 -22.40 4.40 -20.07
N GLY B 62 -22.85 3.23 -19.63
CA GLY B 62 -22.46 2.00 -20.31
C GLY B 62 -21.31 1.25 -19.67
N LYS B 63 -21.03 1.55 -18.41
CA LYS B 63 -19.95 0.89 -17.69
C LYS B 63 -20.15 -0.62 -17.68
N SER B 64 -21.29 -1.09 -17.19
CA SER B 64 -21.57 -2.54 -17.16
C SER B 64 -21.62 -3.14 -18.56
N THR B 65 -22.22 -2.42 -19.50
CA THR B 65 -22.31 -2.93 -20.88
C THR B 65 -20.91 -3.18 -21.43
N PHE B 66 -19.99 -2.27 -21.12
CA PHE B 66 -18.61 -2.40 -21.57
C PHE B 66 -18.01 -3.68 -21.01
N LEU B 67 -18.18 -3.90 -19.72
CA LEU B 67 -17.65 -5.12 -19.10
C LEU B 67 -18.24 -6.35 -19.77
N ARG B 68 -19.56 -6.38 -19.92
CA ARG B 68 -20.24 -7.50 -20.55
C ARG B 68 -19.65 -7.79 -21.94
N CYS B 69 -19.31 -6.76 -22.69
CA CYS B 69 -18.70 -6.96 -24.01
C CYS B 69 -17.34 -7.63 -23.84
N LEU B 70 -16.56 -7.16 -22.88
CA LEU B 70 -15.24 -7.72 -22.63
C LEU B 70 -15.33 -9.15 -22.13
N ASN B 71 -16.48 -9.54 -21.61
CA ASN B 71 -16.66 -10.90 -21.11
C ASN B 71 -17.39 -11.77 -22.13
N LEU B 72 -17.64 -11.19 -23.30
CA LEU B 72 -18.33 -11.88 -24.40
C LEU B 72 -19.79 -12.22 -24.07
N LEU B 73 -20.36 -11.56 -23.07
CA LEU B 73 -21.75 -11.78 -22.70
C LEU B 73 -22.60 -10.90 -23.59
N GLU B 74 -21.93 -10.07 -24.39
CA GLU B 74 -22.64 -9.17 -25.28
C GLU B 74 -21.94 -9.04 -26.63
N ASP B 75 -22.73 -9.09 -27.69
CA ASP B 75 -22.23 -8.93 -29.05
C ASP B 75 -22.12 -7.43 -29.30
N PHE B 76 -21.26 -7.02 -30.22
CA PHE B 76 -21.13 -5.60 -30.50
C PHE B 76 -21.29 -5.26 -31.97
N ASP B 77 -21.95 -4.13 -32.20
CA ASP B 77 -22.22 -3.65 -33.54
C ASP B 77 -20.94 -3.32 -34.31
N GLU B 78 -20.37 -2.16 -34.01
CA GLU B 78 -19.16 -1.70 -34.68
C GLU B 78 -17.97 -1.74 -33.74
N GLY B 79 -16.78 -1.65 -34.33
CA GLY B 79 -15.58 -1.65 -33.51
C GLY B 79 -14.82 -2.95 -33.52
N GLU B 80 -13.72 -2.95 -32.78
CA GLU B 80 -12.86 -4.11 -32.69
C GLU B 80 -12.47 -4.35 -31.24
N ILE B 81 -12.44 -5.61 -30.83
CA ILE B 81 -12.04 -5.96 -29.48
C ILE B 81 -11.03 -7.07 -29.62
N ILE B 82 -9.83 -6.85 -29.09
CA ILE B 82 -8.79 -7.86 -29.16
C ILE B 82 -8.34 -8.22 -27.75
N ILE B 83 -8.52 -9.50 -27.39
CA ILE B 83 -8.14 -9.98 -26.06
C ILE B 83 -6.88 -10.85 -26.16
N ASP B 84 -5.81 -10.42 -25.50
CA ASP B 84 -4.56 -11.17 -25.49
C ASP B 84 -4.12 -11.52 -26.92
N GLY B 85 -4.23 -10.55 -27.82
CA GLY B 85 -3.84 -10.74 -29.20
C GLY B 85 -4.86 -11.48 -30.06
N ILE B 86 -6.00 -11.83 -29.50
CA ILE B 86 -7.04 -12.54 -30.24
C ILE B 86 -8.20 -11.63 -30.61
N ASN B 87 -8.34 -11.34 -31.90
CA ASN B 87 -9.42 -10.49 -32.36
C ASN B 87 -10.70 -11.31 -32.27
N LEU B 88 -11.71 -10.76 -31.60
CA LEU B 88 -12.97 -11.47 -31.42
C LEU B 88 -13.77 -11.65 -32.71
N LYS B 89 -13.37 -10.96 -33.77
CA LYS B 89 -14.09 -11.05 -35.05
C LYS B 89 -13.40 -11.97 -36.08
N ALA B 90 -12.25 -12.53 -35.73
CA ALA B 90 -11.52 -13.40 -36.65
C ALA B 90 -12.13 -14.79 -36.86
N LYS B 91 -11.93 -15.33 -38.06
CA LYS B 91 -12.44 -16.65 -38.46
C LYS B 91 -12.11 -17.77 -37.50
N ASP B 92 -10.81 -17.87 -37.19
CA ASP B 92 -10.27 -18.91 -36.35
C ASP B 92 -10.42 -18.70 -34.85
N THR B 93 -11.11 -17.65 -34.45
CA THR B 93 -11.29 -17.39 -33.04
C THR B 93 -12.37 -18.25 -32.39
N ASN B 94 -11.99 -18.92 -31.31
CA ASN B 94 -12.94 -19.74 -30.56
C ASN B 94 -13.36 -18.85 -29.40
N LEU B 95 -14.56 -18.25 -29.51
CA LEU B 95 -15.06 -17.35 -28.46
C LEU B 95 -15.22 -17.99 -27.07
N ASN B 96 -15.49 -19.30 -27.00
CA ASN B 96 -15.63 -19.98 -25.72
C ASN B 96 -14.28 -20.09 -25.04
N LYS B 97 -13.24 -20.22 -25.84
CA LYS B 97 -11.88 -20.32 -25.33
C LYS B 97 -11.50 -18.94 -24.79
N VAL B 98 -11.89 -17.89 -25.50
CA VAL B 98 -11.59 -16.55 -25.03
C VAL B 98 -12.35 -16.35 -23.74
N ARG B 99 -13.60 -16.79 -23.70
CA ARG B 99 -14.41 -16.66 -22.50
C ARG B 99 -13.81 -17.39 -21.31
N GLU B 100 -12.96 -18.37 -21.58
CA GLU B 100 -12.30 -19.12 -20.50
C GLU B 100 -11.23 -18.32 -19.78
N GLU B 101 -10.61 -17.37 -20.48
CA GLU B 101 -9.53 -16.58 -19.90
C GLU B 101 -10.02 -15.28 -19.26
N VAL B 102 -11.32 -15.04 -19.32
CA VAL B 102 -11.86 -13.82 -18.73
C VAL B 102 -12.78 -14.15 -17.55
N GLY B 103 -12.38 -13.72 -16.36
CA GLY B 103 -13.20 -14.00 -15.19
C GLY B 103 -14.02 -12.76 -14.87
N MET B 104 -15.21 -12.94 -14.34
CA MET B 104 -16.06 -11.81 -13.98
C MET B 104 -16.81 -12.01 -12.68
N VAL B 105 -16.91 -10.93 -11.92
CA VAL B 105 -17.60 -10.92 -10.65
C VAL B 105 -18.66 -9.84 -10.79
N PHE B 106 -19.91 -10.21 -10.60
CA PHE B 106 -21.01 -9.25 -10.74
C PHE B 106 -21.39 -8.60 -9.42
N GLN B 107 -22.25 -7.60 -9.52
CA GLN B 107 -22.68 -6.85 -8.34
C GLN B 107 -23.41 -7.74 -7.35
N ARG B 108 -24.13 -8.74 -7.85
CA ARG B 108 -24.90 -9.59 -6.96
C ARG B 108 -24.85 -11.12 -7.07
N PHE B 109 -25.71 -11.71 -7.88
CA PHE B 109 -25.83 -13.17 -7.96
C PHE B 109 -24.77 -13.90 -8.76
N ASN B 110 -23.70 -14.30 -8.06
CA ASN B 110 -22.57 -14.98 -8.67
C ASN B 110 -22.48 -16.49 -8.49
N LEU B 111 -23.25 -17.02 -7.55
CA LEU B 111 -23.21 -18.45 -7.25
C LEU B 111 -24.49 -19.24 -7.51
N PHE B 112 -24.34 -20.52 -7.83
CA PHE B 112 -25.49 -21.39 -8.02
C PHE B 112 -25.94 -21.71 -6.61
N PRO B 113 -27.21 -21.44 -6.29
CA PRO B 113 -27.72 -21.70 -4.94
C PRO B 113 -27.86 -23.17 -4.51
N HIS B 114 -28.06 -24.05 -5.50
CA HIS B 114 -28.23 -25.48 -5.26
C HIS B 114 -26.90 -26.23 -5.24
N MET B 115 -25.82 -25.51 -4.98
CA MET B 115 -24.48 -26.07 -4.98
C MET B 115 -23.69 -25.56 -3.76
N THR B 116 -22.74 -26.34 -3.26
CA THR B 116 -21.95 -25.89 -2.12
C THR B 116 -20.89 -24.92 -2.65
N VAL B 117 -20.17 -24.31 -1.72
CA VAL B 117 -19.12 -23.37 -2.05
C VAL B 117 -18.04 -24.06 -2.90
N LEU B 118 -17.53 -25.18 -2.42
CA LEU B 118 -16.50 -25.93 -3.10
C LEU B 118 -16.92 -26.39 -4.50
N ASN B 119 -18.15 -26.89 -4.62
CA ASN B 119 -18.65 -27.35 -5.89
C ASN B 119 -18.92 -26.21 -6.86
N ASN B 120 -19.30 -25.05 -6.33
CA ASN B 120 -19.53 -23.87 -7.15
C ASN B 120 -18.19 -23.53 -7.82
N ILE B 121 -17.12 -23.69 -7.05
CA ILE B 121 -15.80 -23.36 -7.53
C ILE B 121 -15.18 -24.36 -8.50
N THR B 122 -15.44 -25.65 -8.30
CA THR B 122 -14.85 -26.67 -9.17
C THR B 122 -15.67 -26.97 -10.43
N LEU B 123 -16.89 -26.47 -10.48
CA LEU B 123 -17.77 -26.72 -11.62
C LEU B 123 -17.18 -26.42 -13.00
N ALA B 124 -16.78 -25.17 -13.23
CA ALA B 124 -16.22 -24.79 -14.53
C ALA B 124 -14.86 -25.42 -14.81
N PRO B 125 -13.94 -25.37 -13.83
CA PRO B 125 -12.61 -25.98 -14.04
C PRO B 125 -12.71 -27.48 -14.34
N MET B 126 -13.67 -28.15 -13.71
CA MET B 126 -13.86 -29.58 -13.90
C MET B 126 -14.49 -29.91 -15.25
N LYS B 127 -15.46 -29.09 -15.65
CA LYS B 127 -16.16 -29.27 -16.91
C LYS B 127 -15.28 -28.79 -18.07
N VAL B 128 -15.09 -27.48 -18.13
CA VAL B 128 -14.30 -26.82 -19.17
C VAL B 128 -12.85 -27.27 -19.29
N ARG B 129 -12.08 -27.19 -18.22
CA ARG B 129 -10.68 -27.58 -18.28
C ARG B 129 -10.39 -29.06 -18.03
N LYS B 130 -11.44 -29.87 -17.93
CA LYS B 130 -11.30 -31.31 -17.71
C LYS B 130 -10.38 -31.73 -16.57
N TRP B 131 -10.27 -30.91 -15.55
CA TRP B 131 -9.43 -31.23 -14.41
C TRP B 131 -10.09 -32.34 -13.60
N PRO B 132 -9.32 -33.35 -13.17
CA PRO B 132 -9.96 -34.40 -12.37
C PRO B 132 -10.50 -33.75 -11.11
N ARG B 133 -11.57 -34.30 -10.55
CA ARG B 133 -12.18 -33.73 -9.35
C ARG B 133 -11.18 -33.36 -8.27
N GLU B 134 -10.11 -34.13 -8.14
CA GLU B 134 -9.11 -33.86 -7.12
C GLU B 134 -8.17 -32.72 -7.42
N LYS B 135 -7.83 -32.50 -8.69
CA LYS B 135 -6.93 -31.40 -9.01
C LYS B 135 -7.71 -30.09 -8.85
N ALA B 136 -9.01 -30.13 -9.14
CA ALA B 136 -9.86 -28.96 -9.04
C ALA B 136 -10.13 -28.56 -7.59
N GLU B 137 -10.45 -29.55 -6.75
CA GLU B 137 -10.75 -29.28 -5.35
C GLU B 137 -9.57 -28.73 -4.53
N ALA B 138 -8.37 -29.17 -4.86
CA ALA B 138 -7.18 -28.71 -4.15
C ALA B 138 -6.94 -27.24 -4.50
N LYS B 139 -7.12 -26.93 -5.77
CA LYS B 139 -6.94 -25.58 -6.26
C LYS B 139 -7.99 -24.68 -5.61
N ALA B 140 -9.19 -25.23 -5.44
CA ALA B 140 -10.32 -24.51 -4.84
C ALA B 140 -10.08 -24.24 -3.35
N MET B 141 -9.46 -25.19 -2.65
CA MET B 141 -9.17 -25.01 -1.24
C MET B 141 -8.10 -23.93 -1.09
N GLU B 142 -7.21 -23.84 -2.07
CA GLU B 142 -6.14 -22.86 -2.06
C GLU B 142 -6.72 -21.46 -2.26
N LEU B 143 -7.69 -21.32 -3.16
CA LEU B 143 -8.31 -20.03 -3.40
C LEU B 143 -9.20 -19.64 -2.21
N LEU B 144 -9.85 -20.63 -1.59
CA LEU B 144 -10.70 -20.36 -0.44
C LEU B 144 -9.86 -19.84 0.71
N ASP B 145 -8.66 -20.39 0.85
CA ASP B 145 -7.78 -19.94 1.92
C ASP B 145 -7.30 -18.53 1.63
N LYS B 146 -7.00 -18.26 0.35
CA LYS B 146 -6.52 -16.95 -0.07
C LYS B 146 -7.57 -15.89 0.24
N VAL B 147 -8.85 -16.24 0.15
CA VAL B 147 -9.90 -15.30 0.43
C VAL B 147 -10.39 -15.42 1.88
N GLY B 148 -9.72 -16.29 2.63
CA GLY B 148 -10.06 -16.49 4.03
C GLY B 148 -11.34 -17.25 4.36
N LEU B 149 -11.76 -18.15 3.48
CA LEU B 149 -12.98 -18.89 3.73
C LEU B 149 -12.85 -20.39 3.49
N LYS B 150 -11.69 -20.95 3.81
CA LYS B 150 -11.51 -22.38 3.60
C LYS B 150 -12.52 -23.20 4.40
N ASP B 151 -12.89 -22.71 5.59
CA ASP B 151 -13.85 -23.40 6.45
C ASP B 151 -15.29 -23.41 5.93
N LYS B 152 -15.56 -22.64 4.88
CA LYS B 152 -16.89 -22.56 4.29
C LYS B 152 -17.03 -23.45 3.05
N ALA B 153 -15.99 -24.20 2.71
CA ALA B 153 -16.00 -25.06 1.53
C ALA B 153 -17.26 -25.89 1.32
N HIS B 154 -17.79 -26.45 2.40
CA HIS B 154 -18.96 -27.31 2.34
C HIS B 154 -20.29 -26.67 2.70
N ALA B 155 -20.29 -25.35 2.83
CA ALA B 155 -21.51 -24.63 3.13
C ALA B 155 -22.21 -24.28 1.80
N TYR B 156 -23.47 -23.87 1.88
CA TYR B 156 -24.23 -23.47 0.70
C TYR B 156 -24.24 -21.97 0.68
N PRO B 157 -24.42 -21.36 -0.49
CA PRO B 157 -24.44 -19.89 -0.60
C PRO B 157 -25.44 -19.21 0.32
N ASP B 158 -26.66 -19.76 0.44
CA ASP B 158 -27.67 -19.14 1.30
C ASP B 158 -27.22 -18.92 2.75
N SER B 159 -26.15 -19.59 3.17
CA SER B 159 -25.66 -19.44 4.54
C SER B 159 -24.49 -18.45 4.66
N LEU B 160 -24.13 -17.82 3.55
CA LEU B 160 -23.02 -16.85 3.56
C LEU B 160 -23.52 -15.43 3.74
N SER B 161 -22.66 -14.57 4.29
CA SER B 161 -23.00 -13.17 4.44
C SER B 161 -22.65 -12.58 3.09
N GLY B 162 -23.09 -11.35 2.81
CA GLY B 162 -22.81 -10.74 1.54
C GLY B 162 -21.32 -10.66 1.25
N GLY B 163 -20.56 -10.23 2.24
CA GLY B 163 -19.11 -10.13 2.09
C GLY B 163 -18.44 -11.48 1.82
N GLN B 164 -18.93 -12.53 2.45
CA GLN B 164 -18.35 -13.86 2.27
C GLN B 164 -18.69 -14.42 0.89
N ALA B 165 -19.94 -14.24 0.48
CA ALA B 165 -20.40 -14.72 -0.82
C ALA B 165 -19.67 -14.02 -1.97
N GLN B 166 -19.38 -12.75 -1.78
CA GLN B 166 -18.68 -12.02 -2.82
C GLN B 166 -17.25 -12.51 -2.93
N ARG B 167 -16.65 -12.87 -1.80
CA ARG B 167 -15.28 -13.38 -1.80
C ARG B 167 -15.23 -14.76 -2.46
N VAL B 168 -16.27 -15.55 -2.21
CA VAL B 168 -16.36 -16.88 -2.80
C VAL B 168 -16.56 -16.72 -4.30
N ALA B 169 -17.29 -15.67 -4.68
CA ALA B 169 -17.55 -15.37 -6.09
C ALA B 169 -16.22 -15.07 -6.80
N ILE B 170 -15.29 -14.46 -6.08
CA ILE B 170 -13.98 -14.11 -6.61
C ILE B 170 -13.13 -15.39 -6.74
N ALA B 171 -13.26 -16.28 -5.76
CA ALA B 171 -12.52 -17.53 -5.78
C ALA B 171 -12.99 -18.37 -6.96
N ARG B 172 -14.30 -18.40 -7.17
CA ARG B 172 -14.89 -19.16 -8.25
C ARG B 172 -14.37 -18.72 -9.61
N ALA B 173 -14.37 -17.40 -9.84
CA ALA B 173 -13.89 -16.88 -11.10
C ALA B 173 -12.42 -17.17 -11.34
N LEU B 174 -11.62 -17.08 -10.27
CA LEU B 174 -10.18 -17.31 -10.34
C LEU B 174 -9.80 -18.77 -10.51
N ALA B 175 -10.74 -19.67 -10.19
CA ALA B 175 -10.50 -21.10 -10.28
C ALA B 175 -10.20 -21.52 -11.71
N MET B 176 -10.72 -20.75 -12.67
CA MET B 176 -10.50 -21.00 -14.09
C MET B 176 -9.12 -20.49 -14.53
N GLU B 177 -8.38 -19.89 -13.60
CA GLU B 177 -7.06 -19.32 -13.88
C GLU B 177 -7.11 -18.39 -15.09
N PRO B 178 -7.94 -17.35 -15.02
CA PRO B 178 -8.10 -16.39 -16.11
C PRO B 178 -6.92 -15.41 -16.23
N LYS B 179 -6.82 -14.77 -17.39
CA LYS B 179 -5.78 -13.80 -17.67
C LYS B 179 -6.29 -12.40 -17.33
N ILE B 180 -7.61 -12.29 -17.22
CA ILE B 180 -8.24 -11.01 -16.92
C ILE B 180 -9.37 -11.21 -15.92
N MET B 181 -9.53 -10.27 -15.00
CA MET B 181 -10.60 -10.33 -14.01
C MET B 181 -11.41 -9.02 -14.08
N LEU B 182 -12.71 -9.14 -14.38
CA LEU B 182 -13.61 -8.00 -14.47
C LEU B 182 -14.45 -7.94 -13.19
N PHE B 183 -14.72 -6.74 -12.71
CA PHE B 183 -15.50 -6.55 -11.49
C PHE B 183 -16.50 -5.44 -11.70
N ASP B 184 -17.79 -5.76 -11.64
CA ASP B 184 -18.81 -4.74 -11.82
C ASP B 184 -19.39 -4.31 -10.46
N GLU B 185 -18.81 -3.26 -9.88
CA GLU B 185 -19.29 -2.73 -8.60
C GLU B 185 -19.56 -3.84 -7.59
N PRO B 186 -18.57 -4.72 -7.35
CA PRO B 186 -18.71 -5.84 -6.42
C PRO B 186 -19.05 -5.55 -4.95
N THR B 187 -18.91 -4.30 -4.51
CA THR B 187 -19.21 -3.97 -3.13
C THR B 187 -20.38 -3.00 -2.98
N SER B 188 -20.84 -2.44 -4.09
CA SER B 188 -21.94 -1.48 -4.06
C SER B 188 -23.15 -1.97 -3.29
N ALA B 189 -23.33 -3.28 -3.21
CA ALA B 189 -24.49 -3.84 -2.52
C ALA B 189 -24.30 -4.04 -1.01
N LEU B 190 -23.10 -4.44 -0.62
CA LEU B 190 -22.78 -4.74 0.78
C LEU B 190 -22.94 -3.62 1.82
N ASP B 191 -23.14 -4.03 3.07
CA ASP B 191 -23.23 -3.08 4.18
C ASP B 191 -21.77 -2.74 4.46
N PRO B 192 -21.51 -1.53 4.98
CA PRO B 192 -20.15 -1.07 5.31
C PRO B 192 -19.21 -2.07 6.01
N GLU B 193 -19.75 -2.89 6.89
CA GLU B 193 -18.93 -3.87 7.60
C GLU B 193 -18.27 -4.84 6.64
N MET B 194 -19.01 -5.26 5.62
CA MET B 194 -18.53 -6.23 4.65
C MET B 194 -17.80 -5.71 3.43
N VAL B 195 -17.65 -4.40 3.31
CA VAL B 195 -16.96 -3.82 2.16
C VAL B 195 -15.46 -4.10 2.15
N GLY B 196 -14.81 -3.89 3.29
CA GLY B 196 -13.37 -4.07 3.40
C GLY B 196 -12.81 -5.44 3.03
N GLU B 197 -13.44 -6.49 3.54
CA GLU B 197 -12.99 -7.86 3.27
C GLU B 197 -12.96 -8.20 1.78
N VAL B 198 -13.85 -7.58 1.00
CA VAL B 198 -13.87 -7.84 -0.43
C VAL B 198 -12.79 -7.04 -1.14
N LEU B 199 -12.69 -5.76 -0.78
CA LEU B 199 -11.69 -4.88 -1.39
C LEU B 199 -10.29 -5.38 -1.06
N SER B 200 -10.14 -5.92 0.15
CA SER B 200 -8.87 -6.44 0.60
C SER B 200 -8.43 -7.60 -0.31
N VAL B 201 -9.38 -8.45 -0.69
CA VAL B 201 -9.07 -9.58 -1.57
C VAL B 201 -8.71 -9.04 -2.96
N MET B 202 -9.43 -8.03 -3.41
CA MET B 202 -9.19 -7.43 -4.70
C MET B 202 -7.81 -6.77 -4.73
N LYS B 203 -7.42 -6.13 -3.63
CA LYS B 203 -6.12 -5.48 -3.55
C LYS B 203 -5.01 -6.55 -3.60
N GLN B 204 -5.22 -7.63 -2.86
CA GLN B 204 -4.28 -8.75 -2.82
C GLN B 204 -4.12 -9.28 -4.24
N LEU B 205 -5.25 -9.38 -4.94
CA LEU B 205 -5.25 -9.87 -6.31
C LEU B 205 -4.47 -8.93 -7.23
N ALA B 206 -4.56 -7.63 -6.97
CA ALA B 206 -3.84 -6.65 -7.79
C ALA B 206 -2.34 -6.72 -7.55
N ASN B 207 -1.95 -7.04 -6.31
CA ASN B 207 -0.54 -7.14 -5.96
C ASN B 207 0.08 -8.39 -6.60
N GLU B 208 -0.76 -9.30 -7.06
CA GLU B 208 -0.32 -10.52 -7.69
C GLU B 208 -0.08 -10.40 -9.20
N GLY B 209 -0.41 -9.24 -9.76
CA GLY B 209 -0.19 -9.05 -11.19
C GLY B 209 -1.34 -9.37 -12.12
N MET B 210 -2.52 -9.63 -11.57
CA MET B 210 -3.68 -9.92 -12.39
C MET B 210 -4.16 -8.66 -13.12
N THR B 211 -4.46 -8.80 -14.41
CA THR B 211 -4.95 -7.68 -15.20
C THR B 211 -6.40 -7.54 -14.73
N MET B 212 -6.76 -6.34 -14.29
CA MET B 212 -8.09 -6.13 -13.75
C MET B 212 -8.81 -4.90 -14.29
N VAL B 213 -10.12 -5.04 -14.50
CA VAL B 213 -10.97 -3.93 -14.93
C VAL B 213 -12.06 -3.90 -13.86
N VAL B 214 -12.11 -2.80 -13.11
CA VAL B 214 -13.07 -2.66 -12.01
C VAL B 214 -13.96 -1.44 -12.09
N VAL B 215 -15.27 -1.68 -12.20
CA VAL B 215 -16.24 -0.58 -12.23
C VAL B 215 -16.58 -0.40 -10.75
N THR B 216 -16.35 0.79 -10.21
CA THR B 216 -16.61 1.02 -8.79
C THR B 216 -16.82 2.48 -8.43
N HIS B 217 -17.48 2.71 -7.30
CA HIS B 217 -17.71 4.07 -6.81
C HIS B 217 -16.81 4.34 -5.62
N GLU B 218 -16.10 3.31 -5.16
CA GLU B 218 -15.17 3.44 -4.04
C GLU B 218 -13.88 4.08 -4.55
N MET B 219 -13.84 5.41 -4.58
CA MET B 219 -12.69 6.14 -5.08
C MET B 219 -11.40 5.93 -4.28
N GLY B 220 -11.53 5.46 -3.05
CA GLY B 220 -10.35 5.21 -2.23
C GLY B 220 -9.61 4.01 -2.79
N PHE B 221 -10.36 2.98 -3.17
CA PHE B 221 -9.80 1.77 -3.75
C PHE B 221 -9.16 2.14 -5.09
N ALA B 222 -9.89 2.92 -5.88
CA ALA B 222 -9.42 3.36 -7.19
C ALA B 222 -8.05 4.02 -7.09
N ARG B 223 -7.95 4.98 -6.18
CA ARG B 223 -6.71 5.73 -5.99
C ARG B 223 -5.57 4.84 -5.50
N GLU B 224 -5.84 4.05 -4.48
CA GLU B 224 -4.84 3.17 -3.88
C GLU B 224 -4.29 1.99 -4.69
N VAL B 225 -5.16 1.31 -5.43
CA VAL B 225 -4.69 0.15 -6.17
C VAL B 225 -4.86 0.24 -7.69
N GLY B 226 -5.55 1.26 -8.17
CA GLY B 226 -5.72 1.40 -9.60
C GLY B 226 -4.48 1.97 -10.28
N ASP B 227 -4.16 1.47 -11.46
CA ASP B 227 -3.01 1.98 -12.21
C ASP B 227 -3.50 3.12 -13.09
N ARG B 228 -4.71 2.96 -13.63
CA ARG B 228 -5.30 3.98 -14.48
C ARG B 228 -6.80 4.06 -14.19
N VAL B 229 -7.38 5.22 -14.42
CA VAL B 229 -8.81 5.39 -14.20
C VAL B 229 -9.42 5.85 -15.53
N LEU B 230 -10.52 5.21 -15.93
CA LEU B 230 -11.23 5.56 -17.15
C LEU B 230 -12.54 6.26 -16.77
N PHE B 231 -12.71 7.49 -17.23
CA PHE B 231 -13.94 8.21 -16.94
C PHE B 231 -14.90 8.07 -18.12
N MET B 232 -15.89 7.20 -17.93
CA MET B 232 -16.90 6.95 -18.96
C MET B 232 -18.14 7.81 -18.72
N ASP B 233 -18.59 8.48 -19.77
CA ASP B 233 -19.78 9.32 -19.64
C ASP B 233 -20.57 9.33 -20.94
N GLY B 234 -21.77 8.77 -20.89
CA GLY B 234 -22.62 8.75 -22.06
C GLY B 234 -22.12 8.01 -23.28
N GLY B 235 -21.50 6.85 -23.10
CA GLY B 235 -21.01 6.08 -24.22
C GLY B 235 -19.62 6.43 -24.70
N TYR B 236 -18.97 7.36 -24.02
CA TYR B 236 -17.62 7.78 -24.39
C TYR B 236 -16.69 7.84 -23.19
N ILE B 237 -15.41 7.61 -23.46
CA ILE B 237 -14.38 7.72 -22.43
C ILE B 237 -13.92 9.16 -22.56
N ILE B 238 -14.42 10.01 -21.67
CA ILE B 238 -14.09 11.43 -21.71
C ILE B 238 -12.67 11.75 -21.24
N GLU B 239 -12.19 11.03 -20.25
CA GLU B 239 -10.85 11.28 -19.77
C GLU B 239 -10.21 9.98 -19.28
N GLU B 240 -8.88 9.96 -19.28
CA GLU B 240 -8.14 8.79 -18.86
C GLU B 240 -6.83 9.25 -18.23
N GLY B 241 -6.33 8.51 -17.25
CA GLY B 241 -5.09 8.88 -16.60
C GLY B 241 -4.84 8.21 -15.27
N LYS B 242 -3.65 8.41 -14.72
CA LYS B 242 -3.30 7.83 -13.43
C LYS B 242 -4.31 8.36 -12.41
N PRO B 243 -4.63 7.55 -11.38
CA PRO B 243 -5.60 7.98 -10.36
C PRO B 243 -5.32 9.39 -9.80
N GLU B 244 -4.08 9.64 -9.39
CA GLU B 244 -3.73 10.94 -8.85
C GLU B 244 -4.02 12.06 -9.84
N ASP B 245 -3.60 11.87 -11.09
CA ASP B 245 -3.82 12.89 -12.11
C ASP B 245 -5.27 13.19 -12.45
N LEU B 246 -6.11 12.15 -12.54
CA LEU B 246 -7.52 12.35 -12.87
C LEU B 246 -8.37 12.84 -11.70
N PHE B 247 -8.10 12.36 -10.49
CA PHE B 247 -8.89 12.77 -9.33
C PHE B 247 -8.56 14.16 -8.82
N ASP B 248 -7.28 14.51 -8.81
CA ASP B 248 -6.85 15.81 -8.30
C ASP B 248 -6.38 16.81 -9.35
N ARG B 249 -6.31 16.38 -10.61
CA ARG B 249 -5.88 17.27 -11.68
C ARG B 249 -6.67 17.01 -12.95
N PRO B 250 -7.98 16.73 -12.83
CA PRO B 250 -8.80 16.47 -14.02
C PRO B 250 -8.62 17.56 -15.07
N GLN B 251 -8.55 17.17 -16.34
CA GLN B 251 -8.35 18.14 -17.40
C GLN B 251 -9.62 18.59 -18.12
N HIS B 252 -10.74 17.91 -17.88
CA HIS B 252 -12.00 18.29 -18.52
C HIS B 252 -13.03 18.66 -17.46
N GLU B 253 -13.78 19.72 -17.71
CA GLU B 253 -14.80 20.19 -16.78
C GLU B 253 -15.85 19.14 -16.45
N ARG B 254 -16.14 18.25 -17.39
CA ARG B 254 -17.14 17.20 -17.15
C ARG B 254 -16.60 16.24 -16.10
N THR B 255 -15.28 16.06 -16.09
CA THR B 255 -14.63 15.18 -15.13
C THR B 255 -14.67 15.83 -13.74
N LYS B 256 -14.33 17.11 -13.67
CA LYS B 256 -14.35 17.84 -12.41
C LYS B 256 -15.79 17.86 -11.88
N ALA B 257 -16.72 18.04 -12.81
CA ALA B 257 -18.14 18.09 -12.49
C ALA B 257 -18.57 16.80 -11.80
N PHE B 258 -18.25 15.66 -12.41
CA PHE B 258 -18.63 14.37 -11.86
C PHE B 258 -17.97 14.13 -10.51
N LEU B 259 -16.70 14.51 -10.41
CA LEU B 259 -15.93 14.33 -9.20
C LEU B 259 -16.38 15.23 -8.05
N SER B 260 -16.85 16.44 -8.36
CA SER B 260 -17.29 17.35 -7.32
C SER B 260 -18.63 16.98 -6.72
N LYS B 261 -19.60 16.74 -7.59
CA LYS B 261 -20.95 16.40 -7.16
C LYS B 261 -21.03 15.14 -6.30
N VAL B 262 -20.20 14.15 -6.59
CA VAL B 262 -20.20 12.90 -5.83
C VAL B 262 -19.36 12.94 -4.56
N PHE B 263 -18.57 14.01 -4.39
CA PHE B 263 -17.73 14.16 -3.20
C PHE B 263 -18.60 14.59 -2.02
N LEU C 22 -8.75 5.97 34.31
CA LEU C 22 -9.68 7.14 34.32
C LEU C 22 -10.67 7.07 33.18
N GLN C 23 -10.29 6.36 32.13
CA GLN C 23 -11.15 6.25 30.97
C GLN C 23 -11.32 4.79 30.58
N MET C 24 -12.56 4.36 30.38
CA MET C 24 -12.82 2.98 29.97
C MET C 24 -12.33 2.90 28.51
N ILE C 25 -12.47 4.00 27.79
CA ILE C 25 -12.02 4.07 26.40
C ILE C 25 -11.15 5.30 26.22
N ASP C 26 -9.87 5.08 25.92
CA ASP C 26 -8.93 6.18 25.73
C ASP C 26 -8.40 6.15 24.29
N VAL C 27 -8.71 7.19 23.52
CA VAL C 27 -8.26 7.29 22.14
C VAL C 27 -7.41 8.53 21.91
N HIS C 28 -6.22 8.35 21.35
CA HIS C 28 -5.33 9.48 21.12
C HIS C 28 -4.81 9.55 19.69
N GLN C 29 -4.99 10.72 19.07
CA GLN C 29 -4.54 11.00 17.71
C GLN C 29 -4.68 9.83 16.75
N LEU C 30 -5.84 9.20 16.78
CA LEU C 30 -6.11 8.06 15.92
C LEU C 30 -6.27 8.47 14.46
N LYS C 31 -5.56 7.77 13.58
CA LYS C 31 -5.63 8.03 12.14
C LYS C 31 -5.74 6.71 11.39
N LYS C 32 -6.59 6.69 10.37
CA LYS C 32 -6.80 5.49 9.57
C LYS C 32 -6.93 5.90 8.11
N SER C 33 -6.14 5.29 7.25
CA SER C 33 -6.18 5.64 5.83
C SER C 33 -6.28 4.43 4.91
N PHE C 34 -6.80 4.65 3.71
CA PHE C 34 -6.93 3.64 2.68
C PHE C 34 -6.26 4.23 1.45
N GLY C 35 -4.94 4.22 1.46
CA GLY C 35 -4.20 4.82 0.36
C GLY C 35 -4.13 6.31 0.67
N SER C 36 -4.52 7.15 -0.28
CA SER C 36 -4.50 8.59 -0.06
C SER C 36 -5.74 8.97 0.77
N LEU C 37 -6.76 8.12 0.72
CA LEU C 37 -7.99 8.35 1.47
C LEU C 37 -7.69 8.25 2.97
N GLU C 38 -7.81 9.36 3.68
CA GLU C 38 -7.58 9.35 5.11
C GLU C 38 -8.95 9.48 5.79
N VAL C 39 -9.51 8.32 6.15
CA VAL C 39 -10.83 8.24 6.77
C VAL C 39 -10.92 8.87 8.15
N LEU C 40 -9.96 8.56 9.01
CA LEU C 40 -9.90 9.13 10.35
C LEU C 40 -8.66 10.00 10.29
N LYS C 41 -8.82 11.28 10.61
CA LYS C 41 -7.72 12.23 10.52
C LYS C 41 -7.14 12.76 11.82
N GLY C 42 -7.24 11.97 12.89
CA GLY C 42 -6.70 12.41 14.16
C GLY C 42 -7.81 12.61 15.17
N ILE C 43 -8.29 11.49 15.71
CA ILE C 43 -9.37 11.51 16.67
C ILE C 43 -8.93 11.29 18.12
N ASN C 44 -9.41 12.15 19.01
CA ASN C 44 -9.08 12.04 20.42
C ASN C 44 -10.40 11.87 21.15
N VAL C 45 -10.53 10.76 21.87
CA VAL C 45 -11.74 10.49 22.61
C VAL C 45 -11.49 9.93 24.00
N HIS C 46 -12.20 10.48 24.99
CA HIS C 46 -12.10 10.01 26.36
C HIS C 46 -13.51 9.64 26.83
N ILE C 47 -13.71 8.36 27.11
CA ILE C 47 -15.00 7.87 27.59
C ILE C 47 -14.78 7.21 28.93
N ARG C 48 -15.52 7.67 29.93
CA ARG C 48 -15.37 7.10 31.27
C ARG C 48 -16.29 5.90 31.44
N GLU C 49 -15.96 5.05 32.41
CA GLU C 49 -16.76 3.87 32.67
C GLU C 49 -18.18 4.31 33.05
N GLY C 50 -19.18 3.76 32.37
CA GLY C 50 -20.56 4.11 32.66
C GLY C 50 -21.18 5.20 31.81
N GLU C 51 -20.38 5.88 31.02
CA GLU C 51 -20.92 6.93 30.18
C GLU C 51 -21.54 6.35 28.94
N VAL C 52 -22.51 7.08 28.40
CA VAL C 52 -23.17 6.71 27.18
C VAL C 52 -22.80 7.84 26.24
N VAL C 53 -22.08 7.50 25.17
CA VAL C 53 -21.65 8.49 24.20
C VAL C 53 -22.30 8.23 22.85
N VAL C 54 -22.94 9.24 22.30
CA VAL C 54 -23.61 9.14 21.01
C VAL C 54 -22.79 9.83 19.93
N VAL C 55 -22.74 9.22 18.75
CA VAL C 55 -21.96 9.75 17.64
C VAL C 55 -22.88 10.08 16.46
N ILE C 56 -22.86 11.34 16.05
CA ILE C 56 -23.68 11.78 14.93
C ILE C 56 -22.79 12.47 13.90
N GLY C 57 -23.27 12.60 12.67
CA GLY C 57 -22.47 13.27 11.66
C GLY C 57 -22.84 12.87 10.25
N PRO C 58 -22.35 13.62 9.25
CA PRO C 58 -22.60 13.37 7.82
C PRO C 58 -22.04 12.02 7.40
N SER C 59 -22.59 11.46 6.33
CA SER C 59 -22.11 10.18 5.85
C SER C 59 -20.67 10.37 5.38
N GLY C 60 -19.86 9.33 5.55
CA GLY C 60 -18.48 9.40 5.13
C GLY C 60 -17.54 10.08 6.12
N SER C 61 -18.02 10.35 7.33
CA SER C 61 -17.20 11.01 8.35
C SER C 61 -16.28 10.05 9.08
N GLY C 62 -16.57 8.76 8.99
CA GLY C 62 -15.74 7.77 9.65
C GLY C 62 -16.31 7.25 10.96
N LYS C 63 -17.60 7.52 11.22
CA LYS C 63 -18.25 7.07 12.44
C LYS C 63 -18.19 5.54 12.63
N SER C 64 -18.54 4.79 11.59
CA SER C 64 -18.53 3.34 11.64
C SER C 64 -17.10 2.78 11.70
N THR C 65 -16.21 3.36 10.90
CA THR C 65 -14.83 2.91 10.90
C THR C 65 -14.25 3.08 12.31
N PHE C 66 -14.58 4.20 12.95
CA PHE C 66 -14.11 4.47 14.31
C PHE C 66 -14.54 3.36 15.26
N LEU C 67 -15.81 2.98 15.22
CA LEU C 67 -16.29 1.91 16.10
C LEU C 67 -15.62 0.59 15.80
N ARG C 68 -15.37 0.33 14.52
CA ARG C 68 -14.73 -0.91 14.09
C ARG C 68 -13.30 -0.95 14.62
N CYS C 69 -12.71 0.21 14.88
CA CYS C 69 -11.37 0.27 15.44
C CYS C 69 -11.40 -0.10 16.92
N LEU C 70 -12.44 0.35 17.63
CA LEU C 70 -12.58 0.06 19.06
C LEU C 70 -12.81 -1.41 19.36
N ASN C 71 -13.34 -2.14 18.39
CA ASN C 71 -13.65 -3.55 18.54
C ASN C 71 -12.62 -4.45 17.85
N LEU C 72 -11.47 -3.88 17.50
CA LEU C 72 -10.41 -4.62 16.81
C LEU C 72 -10.87 -5.24 15.49
N LEU C 73 -11.87 -4.64 14.86
CA LEU C 73 -12.36 -5.17 13.60
C LEU C 73 -11.62 -4.48 12.46
N GLU C 74 -11.06 -3.33 12.78
CA GLU C 74 -10.34 -2.53 11.81
C GLU C 74 -9.00 -2.18 12.45
N ASP C 75 -7.93 -2.19 11.66
CA ASP C 75 -6.63 -1.82 12.19
C ASP C 75 -6.42 -0.36 11.85
N PHE C 76 -5.60 0.35 12.62
CA PHE C 76 -5.38 1.76 12.37
C PHE C 76 -3.92 2.14 12.11
N ASP C 77 -3.75 3.20 11.33
CA ASP C 77 -2.44 3.70 10.93
C ASP C 77 -1.63 4.45 11.98
N GLU C 78 -2.29 5.32 12.74
CA GLU C 78 -1.58 6.12 13.74
C GLU C 78 -2.37 6.37 15.02
N GLY C 79 -1.67 6.90 16.03
CA GLY C 79 -2.30 7.18 17.31
C GLY C 79 -2.43 5.90 18.10
N GLU C 80 -3.15 5.93 19.23
CA GLU C 80 -3.32 4.72 20.01
C GLU C 80 -4.65 4.63 20.76
N ILE C 81 -5.09 3.38 20.98
CA ILE C 81 -6.36 3.12 21.67
C ILE C 81 -6.13 2.24 22.88
N ILE C 82 -6.74 2.63 23.99
CA ILE C 82 -6.64 1.86 25.22
C ILE C 82 -8.05 1.56 25.69
N ILE C 83 -8.38 0.27 25.77
CA ILE C 83 -9.70 -0.13 26.21
C ILE C 83 -9.60 -0.88 27.53
N ASP C 84 -10.27 -0.35 28.54
CA ASP C 84 -10.25 -0.98 29.85
C ASP C 84 -8.81 -1.26 30.28
N GLY C 85 -7.95 -0.25 30.16
CA GLY C 85 -6.56 -0.41 30.55
C GLY C 85 -5.71 -1.24 29.61
N ILE C 86 -6.35 -1.93 28.67
CA ILE C 86 -5.62 -2.75 27.69
C ILE C 86 -5.31 -1.90 26.47
N ASN C 87 -4.06 -1.92 26.03
CA ASN C 87 -3.67 -1.16 24.85
C ASN C 87 -3.92 -2.04 23.63
N LEU C 88 -4.42 -1.44 22.54
CA LEU C 88 -4.69 -2.24 21.34
C LEU C 88 -3.48 -2.65 20.55
N LYS C 89 -2.29 -2.24 21.01
CA LYS C 89 -1.07 -2.64 20.34
C LYS C 89 -0.30 -3.55 21.28
N ALA C 90 -1.04 -4.22 22.17
CA ALA C 90 -0.47 -5.15 23.14
C ALA C 90 -0.50 -6.55 22.54
N LYS C 91 0.15 -7.48 23.21
CA LYS C 91 0.19 -8.87 22.75
C LYS C 91 -1.22 -9.40 22.48
N ASP C 92 -1.34 -10.31 21.52
CA ASP C 92 -2.63 -10.90 21.11
C ASP C 92 -3.45 -11.56 22.19
N THR C 93 -2.86 -12.57 22.84
CA THR C 93 -3.53 -13.32 23.90
C THR C 93 -4.27 -12.30 24.76
N ASN C 94 -3.72 -11.10 24.75
CA ASN C 94 -4.23 -9.97 25.49
C ASN C 94 -5.31 -9.21 24.70
N LEU C 95 -5.16 -9.16 23.38
CA LEU C 95 -6.14 -8.48 22.54
C LEU C 95 -7.42 -9.28 22.52
N ASN C 96 -7.30 -10.59 22.77
CA ASN C 96 -8.47 -11.48 22.81
C ASN C 96 -9.37 -11.09 23.97
N LYS C 97 -8.76 -10.59 25.04
CA LYS C 97 -9.51 -10.18 26.21
C LYS C 97 -10.28 -8.92 25.88
N VAL C 98 -9.72 -8.10 24.99
CA VAL C 98 -10.39 -6.87 24.58
C VAL C 98 -11.60 -7.30 23.77
N ARG C 99 -11.39 -8.22 22.83
CA ARG C 99 -12.47 -8.70 21.98
C ARG C 99 -13.60 -9.29 22.81
N GLU C 100 -13.25 -9.95 23.91
CA GLU C 100 -14.25 -10.54 24.77
C GLU C 100 -15.00 -9.52 25.59
N GLU C 101 -14.31 -8.46 26.01
CA GLU C 101 -14.93 -7.41 26.83
C GLU C 101 -15.74 -6.36 26.08
N VAL C 102 -15.62 -6.35 24.75
CA VAL C 102 -16.33 -5.38 23.93
C VAL C 102 -17.37 -6.09 23.05
N GLY C 103 -18.62 -5.67 23.19
CA GLY C 103 -19.69 -6.24 22.41
C GLY C 103 -20.15 -5.21 21.39
N MET C 104 -20.74 -5.67 20.30
CA MET C 104 -21.19 -4.76 19.26
C MET C 104 -22.42 -5.25 18.51
N VAL C 105 -23.31 -4.31 18.20
CA VAL C 105 -24.54 -4.58 17.47
C VAL C 105 -24.51 -3.74 16.21
N PHE C 106 -24.63 -4.42 15.06
CA PHE C 106 -24.65 -3.76 13.77
C PHE C 106 -26.08 -3.43 13.39
N GLN C 107 -26.23 -2.71 12.28
CA GLN C 107 -27.56 -2.32 11.85
C GLN C 107 -28.44 -3.47 11.38
N ARG C 108 -27.85 -4.53 10.82
CA ARG C 108 -28.67 -5.63 10.31
C ARG C 108 -28.31 -7.08 10.60
N PHE C 109 -27.11 -7.50 10.19
CA PHE C 109 -26.75 -8.90 10.36
C PHE C 109 -26.00 -9.23 11.64
N ASN C 110 -26.76 -9.52 12.69
CA ASN C 110 -26.21 -9.83 13.99
C ASN C 110 -26.42 -11.27 14.41
N LEU C 111 -27.36 -11.94 13.77
CA LEU C 111 -27.70 -13.31 14.13
C LEU C 111 -27.47 -14.30 13.01
N PHE C 112 -27.28 -15.56 13.38
CA PHE C 112 -27.14 -16.62 12.40
C PHE C 112 -28.57 -17.03 12.15
N PRO C 113 -29.09 -16.77 10.95
CA PRO C 113 -30.48 -17.11 10.60
C PRO C 113 -30.86 -18.59 10.69
N HIS C 114 -29.88 -19.48 10.56
CA HIS C 114 -30.17 -20.91 10.61
C HIS C 114 -30.11 -21.56 11.98
N MET C 115 -30.03 -20.74 13.03
CA MET C 115 -30.06 -21.29 14.37
C MET C 115 -31.04 -20.51 15.23
N THR C 116 -31.55 -21.15 16.28
CA THR C 116 -32.53 -20.51 17.15
C THR C 116 -31.98 -19.34 17.95
N VAL C 117 -32.90 -18.57 18.53
CA VAL C 117 -32.56 -17.44 19.36
C VAL C 117 -31.63 -17.89 20.48
N LEU C 118 -32.05 -18.93 21.21
CA LEU C 118 -31.26 -19.45 22.31
C LEU C 118 -29.84 -19.82 21.89
N ASN C 119 -29.72 -20.63 20.86
CA ASN C 119 -28.40 -21.06 20.39
C ASN C 119 -27.54 -19.91 19.85
N ASN C 120 -28.20 -18.85 19.38
CA ASN C 120 -27.50 -17.69 18.87
C ASN C 120 -26.79 -16.99 20.04
N ILE C 121 -27.53 -16.87 21.14
CA ILE C 121 -27.01 -16.21 22.33
C ILE C 121 -25.89 -16.97 23.04
N THR C 122 -26.02 -18.29 23.15
CA THR C 122 -25.02 -19.12 23.83
C THR C 122 -23.75 -19.49 23.03
N LEU C 123 -23.80 -19.34 21.71
CA LEU C 123 -22.68 -19.72 20.85
C LEU C 123 -21.28 -19.23 21.28
N ALA C 124 -21.06 -17.92 21.27
CA ALA C 124 -19.77 -17.38 21.65
C ALA C 124 -19.40 -17.70 23.10
N PRO C 125 -20.35 -17.52 24.05
CA PRO C 125 -20.07 -17.81 25.45
C PRO C 125 -19.47 -19.20 25.67
N MET C 126 -20.05 -20.20 25.00
CA MET C 126 -19.58 -21.58 25.12
C MET C 126 -18.29 -21.84 24.34
N LYS C 127 -18.24 -21.33 23.11
CA LYS C 127 -17.10 -21.52 22.23
C LYS C 127 -15.87 -20.72 22.64
N VAL C 128 -16.08 -19.46 22.96
CA VAL C 128 -14.98 -18.57 23.34
C VAL C 128 -14.66 -18.51 24.82
N ARG C 129 -15.66 -18.31 25.67
CA ARG C 129 -15.42 -18.24 27.11
C ARG C 129 -15.45 -19.61 27.78
N LYS C 130 -15.64 -20.66 26.99
CA LYS C 130 -15.66 -22.02 27.50
C LYS C 130 -16.64 -22.22 28.64
N TRP C 131 -17.77 -21.52 28.57
CA TRP C 131 -18.80 -21.67 29.59
C TRP C 131 -19.55 -22.96 29.29
N PRO C 132 -19.94 -23.69 30.34
CA PRO C 132 -20.68 -24.94 30.09
C PRO C 132 -22.08 -24.60 29.59
N ARG C 133 -22.77 -25.57 28.97
CA ARG C 133 -24.09 -25.32 28.42
C ARG C 133 -25.14 -24.75 29.37
N GLU C 134 -25.34 -25.41 30.51
CA GLU C 134 -26.34 -24.96 31.49
C GLU C 134 -26.15 -23.55 31.97
N LYS C 135 -24.89 -23.16 32.18
CA LYS C 135 -24.58 -21.82 32.64
C LYS C 135 -24.88 -20.85 31.50
N ALA C 136 -24.47 -21.21 30.29
CA ALA C 136 -24.69 -20.35 29.14
C ALA C 136 -26.18 -20.14 28.86
N GLU C 137 -26.96 -21.21 28.93
CA GLU C 137 -28.39 -21.11 28.68
C GLU C 137 -29.09 -20.31 29.78
N ALA C 138 -28.71 -20.53 31.03
CA ALA C 138 -29.32 -19.80 32.13
C ALA C 138 -29.15 -18.31 31.90
N LYS C 139 -27.95 -17.92 31.50
CA LYS C 139 -27.65 -16.54 31.22
C LYS C 139 -28.43 -16.04 30.00
N ALA C 140 -28.51 -16.88 28.97
CA ALA C 140 -29.26 -16.50 27.77
C ALA C 140 -30.74 -16.26 28.11
N MET C 141 -31.30 -17.09 28.98
CA MET C 141 -32.70 -16.94 29.38
C MET C 141 -32.91 -15.67 30.19
N GLU C 142 -31.96 -15.40 31.07
CA GLU C 142 -32.00 -14.20 31.90
C GLU C 142 -31.94 -12.98 30.98
N LEU C 143 -31.09 -13.05 29.96
CA LEU C 143 -30.95 -11.94 29.01
C LEU C 143 -32.17 -11.80 28.10
N LEU C 144 -32.86 -12.90 27.82
CA LEU C 144 -34.06 -12.81 26.99
C LEU C 144 -35.18 -12.13 27.79
N ASP C 145 -35.17 -12.29 29.12
CA ASP C 145 -36.17 -11.62 29.94
C ASP C 145 -35.82 -10.14 29.95
N LYS C 146 -34.52 -9.88 29.94
CA LYS C 146 -34.04 -8.51 29.95
C LYS C 146 -34.55 -7.76 28.72
N VAL C 147 -34.43 -8.37 27.56
CA VAL C 147 -34.89 -7.72 26.33
C VAL C 147 -36.35 -8.03 26.00
N GLY C 148 -37.02 -8.76 26.91
CA GLY C 148 -38.43 -9.08 26.74
C GLY C 148 -38.86 -10.09 25.67
N LEU C 149 -38.03 -11.10 25.42
CA LEU C 149 -38.35 -12.10 24.41
C LEU C 149 -38.07 -13.50 24.94
N LYS C 150 -38.49 -13.74 26.16
CA LYS C 150 -38.29 -15.01 26.84
C LYS C 150 -39.07 -16.12 26.15
N ASP C 151 -40.18 -15.77 25.51
CA ASP C 151 -41.00 -16.75 24.80
C ASP C 151 -40.49 -17.02 23.38
N LYS C 152 -39.45 -16.30 22.98
CA LYS C 152 -38.87 -16.45 21.65
C LYS C 152 -37.62 -17.32 21.60
N ALA C 153 -37.22 -17.84 22.76
CA ALA C 153 -36.02 -18.66 22.87
C ALA C 153 -35.80 -19.70 21.79
N HIS C 154 -36.86 -20.41 21.42
CA HIS C 154 -36.73 -21.46 20.42
C HIS C 154 -37.20 -21.09 19.02
N ALA C 155 -37.35 -19.79 18.77
CA ALA C 155 -37.77 -19.33 17.45
C ALA C 155 -36.53 -19.10 16.61
N TYR C 156 -36.72 -18.99 15.30
CA TYR C 156 -35.62 -18.71 14.39
C TYR C 156 -35.80 -17.25 13.99
N PRO C 157 -34.71 -16.57 13.61
CA PRO C 157 -34.77 -15.15 13.23
C PRO C 157 -35.85 -14.80 12.21
N ASP C 158 -36.15 -15.74 11.31
CA ASP C 158 -37.17 -15.55 10.28
C ASP C 158 -38.58 -15.43 10.87
N SER C 159 -38.71 -15.71 12.16
CA SER C 159 -40.00 -15.62 12.83
C SER C 159 -40.01 -14.47 13.83
N LEU C 160 -39.09 -13.54 13.66
CA LEU C 160 -39.03 -12.37 14.53
C LEU C 160 -39.18 -11.12 13.68
N SER C 161 -39.81 -10.11 14.25
CA SER C 161 -39.96 -8.84 13.54
C SER C 161 -38.56 -8.23 13.58
N GLY C 162 -38.28 -7.23 12.75
CA GLY C 162 -36.97 -6.63 12.77
C GLY C 162 -36.62 -6.06 14.14
N GLY C 163 -37.63 -5.58 14.85
CA GLY C 163 -37.40 -5.02 16.17
C GLY C 163 -37.04 -6.08 17.19
N GLN C 164 -37.70 -7.23 17.09
CA GLN C 164 -37.41 -8.33 18.00
C GLN C 164 -36.01 -8.88 17.71
N ALA C 165 -35.65 -8.97 16.44
CA ALA C 165 -34.33 -9.48 16.06
C ALA C 165 -33.21 -8.58 16.61
N GLN C 166 -33.38 -7.26 16.58
CA GLN C 166 -32.35 -6.36 17.09
C GLN C 166 -32.22 -6.48 18.62
N ARG C 167 -33.33 -6.76 19.29
CA ARG C 167 -33.29 -6.93 20.74
C ARG C 167 -32.55 -8.23 21.05
N VAL C 168 -32.71 -9.23 20.18
CA VAL C 168 -32.01 -10.50 20.37
C VAL C 168 -30.53 -10.27 20.09
N ALA C 169 -30.22 -9.39 19.14
CA ALA C 169 -28.84 -9.09 18.80
C ALA C 169 -28.12 -8.55 20.03
N ILE C 170 -28.83 -7.71 20.77
CA ILE C 170 -28.32 -7.10 21.99
C ILE C 170 -28.10 -8.15 23.08
N ALA C 171 -29.08 -9.02 23.27
CA ALA C 171 -28.97 -10.07 24.28
C ALA C 171 -27.76 -10.93 23.91
N ARG C 172 -27.61 -11.19 22.61
CA ARG C 172 -26.50 -11.99 22.11
C ARG C 172 -25.15 -11.31 22.42
N ALA C 173 -25.03 -10.03 22.11
CA ALA C 173 -23.80 -9.30 22.39
C ALA C 173 -23.51 -9.33 23.90
N LEU C 174 -24.55 -9.13 24.71
CA LEU C 174 -24.45 -9.13 26.16
C LEU C 174 -24.08 -10.47 26.82
N ALA C 175 -24.38 -11.58 26.15
CA ALA C 175 -24.09 -12.90 26.72
C ALA C 175 -22.60 -13.08 27.07
N MET C 176 -21.74 -12.32 26.40
CA MET C 176 -20.30 -12.38 26.66
C MET C 176 -19.94 -11.55 27.88
N GLU C 177 -20.94 -10.89 28.48
CA GLU C 177 -20.74 -10.04 29.65
C GLU C 177 -19.67 -8.99 29.39
N PRO C 178 -19.81 -8.22 28.29
CA PRO C 178 -18.84 -7.18 27.94
C PRO C 178 -18.85 -6.01 28.91
N LYS C 179 -17.75 -5.25 28.92
CA LYS C 179 -17.63 -4.07 29.77
C LYS C 179 -18.02 -2.87 28.92
N ILE C 180 -18.09 -3.09 27.61
CA ILE C 180 -18.43 -2.04 26.68
C ILE C 180 -19.35 -2.55 25.58
N MET C 181 -20.33 -1.71 25.23
CA MET C 181 -21.28 -2.07 24.18
C MET C 181 -21.25 -1.01 23.08
N LEU C 182 -20.97 -1.46 21.86
CA LEU C 182 -20.92 -0.59 20.70
C LEU C 182 -22.16 -0.83 19.86
N PHE C 183 -22.73 0.24 19.32
CA PHE C 183 -23.94 0.15 18.49
C PHE C 183 -23.74 0.96 17.23
N ASP C 184 -23.80 0.30 16.07
CA ASP C 184 -23.66 1.03 14.81
C ASP C 184 -25.02 1.14 14.14
N GLU C 185 -25.69 2.26 14.36
CA GLU C 185 -27.01 2.53 13.79
C GLU C 185 -27.92 1.34 14.06
N PRO C 186 -27.99 0.91 15.32
CA PRO C 186 -28.80 -0.24 15.75
C PRO C 186 -30.27 -0.28 15.37
N THR C 187 -30.89 0.87 15.17
CA THR C 187 -32.30 0.90 14.82
C THR C 187 -32.55 1.51 13.43
N SER C 188 -31.50 1.94 12.75
CA SER C 188 -31.67 2.58 11.44
C SER C 188 -32.32 1.79 10.33
N ALA C 189 -32.16 0.46 10.33
CA ALA C 189 -32.77 -0.35 9.29
C ALA C 189 -34.21 -0.72 9.66
N LEU C 190 -34.68 -0.19 10.78
CA LEU C 190 -36.04 -0.49 11.24
C LEU C 190 -37.14 0.52 10.93
N ASP C 191 -38.35 -0.01 10.91
CA ASP C 191 -39.55 0.79 10.70
C ASP C 191 -39.65 1.64 11.94
N PRO C 192 -40.13 2.88 11.81
CA PRO C 192 -40.26 3.75 12.97
C PRO C 192 -41.04 3.07 14.10
N GLU C 193 -41.98 2.20 13.73
CA GLU C 193 -42.78 1.51 14.73
C GLU C 193 -42.00 0.49 15.53
N MET C 194 -40.90 0.00 14.96
CA MET C 194 -40.09 -1.00 15.65
C MET C 194 -38.84 -0.43 16.28
N VAL C 195 -38.63 0.87 16.13
CA VAL C 195 -37.45 1.52 16.68
C VAL C 195 -37.52 1.70 18.19
N GLY C 196 -38.72 1.98 18.68
CA GLY C 196 -38.89 2.21 20.11
C GLY C 196 -38.54 1.06 21.03
N GLU C 197 -38.97 -0.15 20.68
CA GLU C 197 -38.69 -1.30 21.52
C GLU C 197 -37.19 -1.56 21.68
N VAL C 198 -36.41 -1.21 20.65
CA VAL C 198 -34.98 -1.42 20.73
C VAL C 198 -34.33 -0.34 21.58
N LEU C 199 -34.80 0.89 21.43
CA LEU C 199 -34.28 2.03 22.18
C LEU C 199 -34.57 1.82 23.65
N SER C 200 -35.74 1.24 23.92
CA SER C 200 -36.15 0.97 25.29
C SER C 200 -35.14 0.04 25.96
N VAL C 201 -34.75 -1.02 25.25
CA VAL C 201 -33.76 -1.96 25.79
C VAL C 201 -32.40 -1.26 26.02
N MET C 202 -32.00 -0.45 25.05
CA MET C 202 -30.74 0.28 25.14
C MET C 202 -30.75 1.28 26.28
N LYS C 203 -31.93 1.86 26.55
CA LYS C 203 -32.09 2.83 27.64
C LYS C 203 -31.94 2.07 28.95
N GLN C 204 -32.53 0.88 29.02
CA GLN C 204 -32.45 0.04 30.20
C GLN C 204 -30.99 -0.30 30.46
N LEU C 205 -30.30 -0.68 29.39
CA LEU C 205 -28.88 -1.04 29.46
C LEU C 205 -28.07 0.15 29.96
N ALA C 206 -28.47 1.35 29.57
CA ALA C 206 -27.78 2.56 30.00
C ALA C 206 -28.00 2.81 31.49
N ASN C 207 -29.23 2.57 31.96
CA ASN C 207 -29.56 2.78 33.37
C ASN C 207 -28.82 1.81 34.27
N GLU C 208 -28.43 0.67 33.70
CA GLU C 208 -27.72 -0.36 34.43
C GLU C 208 -26.24 -0.02 34.61
N GLY C 209 -25.80 1.06 33.96
CA GLY C 209 -24.41 1.49 34.08
C GLY C 209 -23.43 1.02 33.02
N MET C 210 -23.93 0.49 31.92
CA MET C 210 -23.06 0.01 30.85
C MET C 210 -22.38 1.18 30.09
N THR C 211 -21.12 0.98 29.74
CA THR C 211 -20.36 1.98 28.97
C THR C 211 -20.85 1.72 27.54
N MET C 212 -21.36 2.75 26.89
CA MET C 212 -21.90 2.60 25.54
C MET C 212 -21.46 3.67 24.55
N VAL C 213 -21.27 3.25 23.30
CA VAL C 213 -20.90 4.15 22.22
C VAL C 213 -21.95 3.86 21.15
N VAL C 214 -22.80 4.85 20.87
CA VAL C 214 -23.87 4.67 19.91
C VAL C 214 -23.86 5.61 18.72
N VAL C 215 -23.67 5.06 17.53
CA VAL C 215 -23.72 5.85 16.31
C VAL C 215 -25.20 5.71 15.93
N THR C 216 -25.94 6.82 15.99
CA THR C 216 -27.36 6.75 15.67
C THR C 216 -27.92 8.09 15.23
N HIS C 217 -29.11 8.04 14.63
CA HIS C 217 -29.80 9.25 14.18
C HIS C 217 -30.98 9.53 15.11
N GLU C 218 -31.12 8.71 16.15
CA GLU C 218 -32.21 8.91 17.08
C GLU C 218 -31.81 9.97 18.11
N MET C 219 -32.06 11.22 17.74
CA MET C 219 -31.72 12.38 18.56
C MET C 219 -32.46 12.42 19.89
N GLY C 220 -33.76 12.15 19.86
CA GLY C 220 -34.52 12.16 21.10
C GLY C 220 -33.90 11.18 22.08
N PHE C 221 -33.57 9.98 21.60
CA PHE C 221 -32.94 8.97 22.44
C PHE C 221 -31.65 9.54 23.02
N ALA C 222 -30.89 10.21 22.16
CA ALA C 222 -29.61 10.81 22.53
C ALA C 222 -29.76 11.85 23.64
N ARG C 223 -30.79 12.68 23.54
CA ARG C 223 -31.03 13.69 24.57
C ARG C 223 -31.34 13.03 25.91
N GLU C 224 -32.10 11.95 25.89
CA GLU C 224 -32.44 11.28 27.14
C GLU C 224 -31.35 10.40 27.74
N VAL C 225 -30.76 9.53 26.92
CA VAL C 225 -29.77 8.55 27.38
C VAL C 225 -28.28 8.88 27.28
N GLY C 226 -27.91 9.78 26.39
CA GLY C 226 -26.50 10.11 26.24
C GLY C 226 -25.90 11.07 27.25
N ASP C 227 -24.69 10.78 27.69
CA ASP C 227 -24.02 11.67 28.62
C ASP C 227 -23.34 12.74 27.79
N ARG C 228 -22.79 12.32 26.65
CA ARG C 228 -22.12 13.24 25.75
C ARG C 228 -22.37 12.85 24.30
N VAL C 229 -22.16 13.80 23.41
CA VAL C 229 -22.34 13.59 21.98
C VAL C 229 -21.08 13.99 21.24
N LEU C 230 -20.71 13.19 20.24
CA LEU C 230 -19.54 13.49 19.43
C LEU C 230 -19.99 13.75 18.01
N PHE C 231 -19.78 14.97 17.52
CA PHE C 231 -20.15 15.28 16.16
C PHE C 231 -18.93 15.05 15.28
N MET C 232 -19.05 14.13 14.33
CA MET C 232 -17.94 13.83 13.43
C MET C 232 -18.20 14.41 12.04
N ASP C 233 -17.15 14.89 11.39
CA ASP C 233 -17.26 15.47 10.07
C ASP C 233 -15.96 15.28 9.31
N GLY C 234 -16.02 14.53 8.21
CA GLY C 234 -14.84 14.28 7.40
C GLY C 234 -13.59 13.78 8.10
N GLY C 235 -13.74 12.85 9.05
CA GLY C 235 -12.59 12.30 9.76
C GLY C 235 -12.17 12.99 11.04
N TYR C 236 -12.91 14.02 11.45
CA TYR C 236 -12.57 14.77 12.66
C TYR C 236 -13.74 14.82 13.65
N ILE C 237 -13.42 15.03 14.92
CA ILE C 237 -14.45 15.20 15.95
C ILE C 237 -14.55 16.73 16.01
N ILE C 238 -15.45 17.31 15.23
CA ILE C 238 -15.58 18.76 15.20
C ILE C 238 -16.10 19.37 16.47
N GLU C 239 -17.04 18.70 17.12
CA GLU C 239 -17.59 19.23 18.36
C GLU C 239 -18.07 18.12 19.27
N GLU C 240 -18.08 18.39 20.57
CA GLU C 240 -18.54 17.42 21.55
C GLU C 240 -19.22 18.18 22.68
N GLY C 241 -20.05 17.49 23.45
CA GLY C 241 -20.73 18.13 24.56
C GLY C 241 -21.99 17.41 24.99
N LYS C 242 -22.66 17.96 25.98
CA LYS C 242 -23.91 17.38 26.46
C LYS C 242 -24.90 17.45 25.30
N PRO C 243 -25.82 16.48 25.21
CA PRO C 243 -26.79 16.48 24.12
C PRO C 243 -27.49 17.83 23.95
N GLU C 244 -28.09 18.34 25.02
CA GLU C 244 -28.82 19.61 24.95
C GLU C 244 -27.95 20.76 24.44
N ASP C 245 -26.71 20.83 24.92
CA ASP C 245 -25.80 21.89 24.53
C ASP C 245 -25.38 21.79 23.07
N LEU C 246 -24.96 20.61 22.65
CA LEU C 246 -24.54 20.43 21.28
C LEU C 246 -25.70 20.54 20.30
N PHE C 247 -26.85 19.96 20.64
CA PHE C 247 -28.00 20.04 19.75
C PHE C 247 -28.67 21.42 19.69
N ASP C 248 -28.95 21.99 20.86
CA ASP C 248 -29.63 23.28 20.91
C ASP C 248 -28.80 24.54 20.75
N ARG C 249 -27.53 24.48 21.13
CA ARG C 249 -26.67 25.65 20.97
C ARG C 249 -25.26 25.25 20.51
N PRO C 250 -25.16 24.73 19.28
CA PRO C 250 -23.89 24.29 18.69
C PRO C 250 -22.96 25.47 18.46
N GLN C 251 -21.68 25.27 18.74
CA GLN C 251 -20.70 26.32 18.58
C GLN C 251 -20.10 26.45 17.19
N HIS C 252 -19.69 25.34 16.59
CA HIS C 252 -19.06 25.37 15.28
C HIS C 252 -19.98 25.36 14.06
N GLU C 253 -19.47 25.94 12.96
CA GLU C 253 -20.23 26.03 11.71
C GLU C 253 -20.55 24.69 11.07
N ARG C 254 -19.62 23.75 11.13
CA ARG C 254 -19.84 22.43 10.55
C ARG C 254 -20.97 21.76 11.33
N THR C 255 -20.97 21.94 12.65
CA THR C 255 -21.98 21.35 13.51
C THR C 255 -23.34 21.93 13.17
N LYS C 256 -23.41 23.26 13.09
CA LYS C 256 -24.65 23.94 12.77
C LYS C 256 -25.18 23.47 11.44
N ALA C 257 -24.28 23.37 10.47
CA ALA C 257 -24.62 22.95 9.12
C ALA C 257 -25.31 21.58 9.08
N PHE C 258 -24.72 20.61 9.75
CA PHE C 258 -25.30 19.27 9.79
C PHE C 258 -26.65 19.30 10.50
N LEU C 259 -26.72 19.97 11.63
CA LEU C 259 -27.96 20.04 12.39
C LEU C 259 -29.12 20.71 11.64
N SER C 260 -28.81 21.60 10.70
CA SER C 260 -29.89 22.24 9.97
C SER C 260 -30.53 21.23 9.03
N LYS C 261 -29.83 20.12 8.80
CA LYS C 261 -30.31 19.05 7.93
C LYS C 261 -31.08 18.00 8.75
N VAL C 262 -30.90 18.05 10.06
CA VAL C 262 -31.55 17.11 10.97
C VAL C 262 -32.76 17.72 11.67
N PHE C 263 -32.63 18.96 12.13
CA PHE C 263 -33.72 19.65 12.83
C PHE C 263 -34.39 20.72 11.97
N LEU D 22 18.34 1.19 35.51
CA LEU D 22 17.92 -0.19 35.91
C LEU D 22 18.61 -1.22 35.01
N GLN D 23 17.85 -1.67 34.04
CA GLN D 23 18.31 -2.60 33.03
C GLN D 23 17.61 -2.20 31.74
N MET D 24 18.37 -1.89 30.69
CA MET D 24 17.76 -1.51 29.42
C MET D 24 17.09 -2.72 28.74
N ILE D 25 17.69 -3.89 28.94
CA ILE D 25 17.15 -5.13 28.37
C ILE D 25 17.20 -6.22 29.44
N ASP D 26 16.04 -6.80 29.70
CA ASP D 26 15.91 -7.86 30.72
C ASP D 26 15.18 -9.04 30.09
N VAL D 27 15.88 -10.15 29.92
CA VAL D 27 15.29 -11.35 29.33
C VAL D 27 15.38 -12.50 30.33
N HIS D 28 14.25 -13.15 30.60
CA HIS D 28 14.22 -14.23 31.56
C HIS D 28 13.64 -15.50 30.97
N GLN D 29 14.42 -16.57 31.01
CA GLN D 29 13.97 -17.86 30.50
C GLN D 29 13.29 -17.78 29.14
N LEU D 30 13.85 -16.99 28.23
CA LEU D 30 13.25 -16.85 26.90
C LEU D 30 13.36 -18.13 26.07
N LYS D 31 12.22 -18.61 25.58
CA LYS D 31 12.16 -19.82 24.75
C LYS D 31 11.44 -19.50 23.45
N LYS D 32 11.92 -20.07 22.35
CA LYS D 32 11.30 -19.82 21.05
C LYS D 32 11.36 -21.06 20.16
N SER D 33 10.25 -21.35 19.49
CA SER D 33 10.19 -22.48 18.60
C SER D 33 9.56 -22.10 17.27
N PHE D 34 10.00 -22.78 16.21
CA PHE D 34 9.47 -22.56 14.88
C PHE D 34 8.86 -23.93 14.56
N GLY D 35 7.66 -24.13 15.06
CA GLY D 35 7.00 -25.41 14.87
C GLY D 35 7.57 -26.35 15.91
N SER D 36 8.19 -27.44 15.45
CA SER D 36 8.78 -28.42 16.35
C SER D 36 10.29 -28.20 16.48
N LEU D 37 10.74 -26.98 16.16
CA LEU D 37 12.16 -26.67 16.26
C LEU D 37 12.40 -25.65 17.35
N GLU D 38 12.90 -26.11 18.49
CA GLU D 38 13.20 -25.23 19.60
C GLU D 38 14.55 -24.58 19.30
N VAL D 39 14.52 -23.26 19.09
CA VAL D 39 15.73 -22.51 18.76
C VAL D 39 16.38 -21.85 19.98
N LEU D 40 15.54 -21.26 20.83
CA LEU D 40 16.01 -20.62 22.05
C LEU D 40 15.35 -21.42 23.16
N LYS D 41 16.14 -22.00 24.05
CA LYS D 41 15.55 -22.80 25.13
C LYS D 41 15.83 -22.37 26.56
N GLY D 42 15.67 -21.08 26.83
CA GLY D 42 15.90 -20.58 28.18
C GLY D 42 17.00 -19.54 28.25
N ILE D 43 16.88 -18.51 27.42
CA ILE D 43 17.85 -17.43 27.37
C ILE D 43 17.63 -16.44 28.52
N ASN D 44 18.72 -16.06 29.18
CA ASN D 44 18.66 -15.12 30.30
C ASN D 44 19.71 -14.05 30.04
N VAL D 45 19.27 -12.80 29.89
CA VAL D 45 20.21 -11.72 29.62
C VAL D 45 19.86 -10.42 30.34
N HIS D 46 20.89 -9.76 30.84
CA HIS D 46 20.79 -8.48 31.52
C HIS D 46 21.75 -7.53 30.84
N ILE D 47 21.22 -6.44 30.29
CA ILE D 47 22.04 -5.43 29.61
C ILE D 47 21.66 -4.04 30.10
N ARG D 48 22.55 -3.40 30.85
CA ARG D 48 22.26 -2.07 31.36
C ARG D 48 22.42 -1.04 30.25
N GLU D 49 21.82 0.13 30.45
CA GLU D 49 21.89 1.19 29.46
C GLU D 49 23.32 1.61 29.16
N GLY D 50 23.60 1.91 27.90
CA GLY D 50 24.93 2.33 27.52
C GLY D 50 25.92 1.18 27.30
N GLU D 51 25.46 -0.05 27.52
CA GLU D 51 26.33 -1.21 27.33
C GLU D 51 26.30 -1.74 25.90
N VAL D 52 27.48 -2.13 25.42
CA VAL D 52 27.64 -2.69 24.09
C VAL D 52 27.85 -4.19 24.32
N VAL D 53 26.83 -4.98 24.00
CA VAL D 53 26.91 -6.43 24.18
C VAL D 53 27.10 -7.15 22.84
N VAL D 54 28.19 -7.90 22.74
CA VAL D 54 28.54 -8.64 21.54
C VAL D 54 28.15 -10.12 21.69
N VAL D 55 27.35 -10.61 20.74
CA VAL D 55 26.89 -11.99 20.77
C VAL D 55 27.62 -12.85 19.74
N ILE D 56 28.25 -13.93 20.20
CA ILE D 56 28.98 -14.84 19.33
C ILE D 56 28.47 -16.26 19.51
N GLY D 57 28.92 -17.18 18.66
CA GLY D 57 28.48 -18.55 18.77
C GLY D 57 28.37 -19.26 17.43
N PRO D 58 28.29 -20.59 17.42
CA PRO D 58 28.18 -21.35 16.17
C PRO D 58 26.86 -21.07 15.45
N SER D 59 26.82 -21.43 14.17
CA SER D 59 25.62 -21.22 13.36
C SER D 59 24.43 -21.99 13.89
N GLY D 60 23.23 -21.44 13.64
CA GLY D 60 22.01 -22.08 14.10
C GLY D 60 21.80 -22.07 15.60
N SER D 61 22.53 -21.21 16.31
CA SER D 61 22.39 -21.12 17.76
C SER D 61 21.22 -20.24 18.19
N GLY D 62 20.64 -19.50 17.26
CA GLY D 62 19.51 -18.64 17.58
C GLY D 62 19.89 -17.17 17.76
N LYS D 63 21.09 -16.82 17.31
CA LYS D 63 21.59 -15.46 17.43
C LYS D 63 20.70 -14.42 16.75
N SER D 64 20.32 -14.68 15.50
CA SER D 64 19.45 -13.76 14.76
C SER D 64 18.03 -13.80 15.33
N THR D 65 17.60 -14.98 15.74
CA THR D 65 16.27 -15.14 16.31
C THR D 65 16.20 -14.31 17.59
N PHE D 66 17.25 -14.37 18.40
CA PHE D 66 17.29 -13.61 19.63
C PHE D 66 17.12 -12.13 19.30
N LEU D 67 17.87 -11.63 18.33
CA LEU D 67 17.74 -10.22 17.96
C LEU D 67 16.34 -9.91 17.41
N ARG D 68 15.80 -10.78 16.56
CA ARG D 68 14.46 -10.54 16.02
C ARG D 68 13.46 -10.37 17.15
N CYS D 69 13.57 -11.17 18.20
CA CYS D 69 12.67 -11.09 19.34
C CYS D 69 12.79 -9.75 20.08
N LEU D 70 14.02 -9.29 20.29
CA LEU D 70 14.27 -8.02 20.97
C LEU D 70 13.75 -6.83 20.16
N ASN D 71 13.54 -7.05 18.86
CA ASN D 71 13.04 -5.99 17.97
C ASN D 71 11.56 -6.17 17.68
N LEU D 72 10.96 -7.13 18.37
CA LEU D 72 9.54 -7.45 18.22
C LEU D 72 9.15 -7.93 16.83
N LEU D 73 10.09 -8.59 16.14
CA LEU D 73 9.79 -9.13 14.82
C LEU D 73 9.30 -10.56 15.00
N GLU D 74 9.54 -11.09 16.20
CA GLU D 74 9.14 -12.44 16.56
C GLU D 74 8.40 -12.46 17.89
N ASP D 75 7.39 -13.31 17.97
CA ASP D 75 6.63 -13.48 19.20
C ASP D 75 7.31 -14.64 19.88
N PHE D 76 7.44 -14.60 21.20
CA PHE D 76 8.11 -15.69 21.89
C PHE D 76 7.15 -16.60 22.64
N ASP D 77 7.53 -17.86 22.76
CA ASP D 77 6.68 -18.84 23.43
C ASP D 77 6.71 -18.66 24.95
N GLU D 78 7.88 -18.83 25.56
CA GLU D 78 8.02 -18.71 27.00
C GLU D 78 9.06 -17.70 27.43
N GLY D 79 8.97 -17.27 28.68
CA GLY D 79 9.91 -16.32 29.22
C GLY D 79 9.37 -14.91 29.27
N GLU D 80 10.24 -13.97 29.64
CA GLU D 80 9.87 -12.57 29.74
C GLU D 80 10.91 -11.69 29.04
N ILE D 81 10.46 -10.58 28.47
CA ILE D 81 11.35 -9.64 27.82
C ILE D 81 10.90 -8.26 28.27
N ILE D 82 11.78 -7.54 28.95
CA ILE D 82 11.44 -6.21 29.43
C ILE D 82 12.40 -5.19 28.83
N ILE D 83 11.86 -4.31 27.98
CA ILE D 83 12.66 -3.28 27.35
C ILE D 83 12.45 -1.95 28.05
N ASP D 84 13.52 -1.48 28.69
CA ASP D 84 13.51 -0.24 29.45
C ASP D 84 12.34 -0.16 30.44
N GLY D 85 12.16 -1.23 31.20
CA GLY D 85 11.08 -1.27 32.18
C GLY D 85 9.71 -1.66 31.65
N ILE D 86 9.57 -1.69 30.32
CA ILE D 86 8.28 -2.06 29.72
C ILE D 86 8.22 -3.53 29.36
N ASN D 87 7.43 -4.28 30.14
CA ASN D 87 7.28 -5.72 29.91
C ASN D 87 6.47 -5.91 28.63
N LEU D 88 6.97 -6.72 27.72
CA LEU D 88 6.29 -6.95 26.45
C LEU D 88 4.97 -7.71 26.54
N LYS D 89 4.65 -8.25 27.72
CA LYS D 89 3.42 -9.00 27.89
C LYS D 89 2.35 -8.31 28.73
N ALA D 90 2.69 -7.14 29.27
CA ALA D 90 1.73 -6.39 30.08
C ALA D 90 0.56 -5.90 29.21
N LYS D 91 -0.63 -5.90 29.79
CA LYS D 91 -1.83 -5.50 29.09
C LYS D 91 -1.85 -4.06 28.58
N ASP D 92 -1.12 -3.18 29.25
CA ASP D 92 -1.09 -1.77 28.86
C ASP D 92 0.10 -1.39 27.98
N THR D 93 0.85 -2.40 27.55
CA THR D 93 2.01 -2.14 26.70
C THR D 93 1.66 -1.92 25.23
N ASN D 94 2.20 -0.85 24.66
CA ASN D 94 1.99 -0.56 23.26
C ASN D 94 3.21 -1.12 22.55
N LEU D 95 3.07 -2.30 21.94
CA LEU D 95 4.20 -2.93 21.25
C LEU D 95 4.81 -2.10 20.12
N ASN D 96 4.01 -1.23 19.50
CA ASN D 96 4.51 -0.39 18.42
C ASN D 96 5.41 0.72 18.96
N LYS D 97 5.01 1.30 20.08
CA LYS D 97 5.80 2.37 20.68
C LYS D 97 7.14 1.81 21.15
N VAL D 98 7.15 0.51 21.47
CA VAL D 98 8.39 -0.12 21.92
C VAL D 98 9.28 -0.35 20.70
N ARG D 99 8.67 -0.73 19.58
CA ARG D 99 9.43 -0.94 18.35
C ARG D 99 10.10 0.36 17.88
N GLU D 100 9.49 1.49 18.22
CA GLU D 100 10.02 2.79 17.86
C GLU D 100 11.34 3.07 18.59
N GLU D 101 11.47 2.45 19.76
CA GLU D 101 12.65 2.61 20.62
C GLU D 101 13.82 1.73 20.21
N VAL D 102 13.56 0.68 19.44
CA VAL D 102 14.61 -0.23 19.03
C VAL D 102 14.95 -0.12 17.55
N GLY D 103 16.21 0.20 17.28
CA GLY D 103 16.64 0.31 15.89
C GLY D 103 17.36 -0.99 15.53
N MET D 104 17.28 -1.38 14.26
CA MET D 104 17.96 -2.58 13.83
C MET D 104 18.64 -2.47 12.47
N VAL D 105 19.81 -3.08 12.38
CA VAL D 105 20.57 -3.09 11.14
C VAL D 105 20.79 -4.56 10.81
N PHE D 106 20.30 -4.97 9.65
CA PHE D 106 20.42 -6.36 9.20
C PHE D 106 21.67 -6.63 8.38
N GLN D 107 21.92 -7.91 8.14
CA GLN D 107 23.08 -8.31 7.38
C GLN D 107 23.06 -7.74 5.96
N ARG D 108 21.86 -7.56 5.40
CA ARG D 108 21.78 -7.08 4.02
C ARG D 108 20.80 -5.96 3.65
N PHE D 109 19.65 -6.34 3.12
CA PHE D 109 18.63 -5.38 2.66
C PHE D 109 17.98 -4.53 3.73
N ASN D 110 18.55 -3.35 3.96
CA ASN D 110 18.07 -2.41 4.97
C ASN D 110 17.35 -1.18 4.42
N LEU D 111 17.46 -0.94 3.12
CA LEU D 111 16.86 0.25 2.51
C LEU D 111 15.78 -0.01 1.47
N PHE D 112 14.86 0.94 1.32
CA PHE D 112 13.82 0.83 0.31
C PHE D 112 14.54 1.21 -0.98
N PRO D 113 14.53 0.32 -1.99
CA PRO D 113 15.20 0.59 -3.26
C PRO D 113 14.60 1.73 -4.08
N HIS D 114 13.32 2.02 -3.85
CA HIS D 114 12.61 3.07 -4.60
C HIS D 114 12.63 4.45 -3.95
N MET D 115 13.54 4.65 -3.02
CA MET D 115 13.66 5.95 -2.34
C MET D 115 15.09 6.43 -2.36
N THR D 116 15.28 7.73 -2.17
CA THR D 116 16.62 8.28 -2.13
C THR D 116 17.17 7.99 -0.74
N VAL D 117 18.45 8.27 -0.54
CA VAL D 117 19.07 8.04 0.75
C VAL D 117 18.33 8.87 1.80
N LEU D 118 18.20 10.16 1.52
CA LEU D 118 17.53 11.09 2.42
C LEU D 118 16.10 10.63 2.74
N ASN D 119 15.34 10.29 1.72
CA ASN D 119 13.97 9.85 1.94
C ASN D 119 13.85 8.56 2.73
N ASN D 120 14.85 7.69 2.61
CA ASN D 120 14.88 6.42 3.36
C ASN D 120 14.98 6.75 4.85
N ILE D 121 15.84 7.72 5.15
CA ILE D 121 16.09 8.15 6.51
C ILE D 121 14.97 8.95 7.18
N THR D 122 14.25 9.77 6.42
CA THR D 122 13.17 10.58 7.00
C THR D 122 11.79 9.91 7.01
N LEU D 123 11.66 8.79 6.32
CA LEU D 123 10.39 8.07 6.22
C LEU D 123 9.71 7.78 7.58
N ALA D 124 10.35 7.03 8.45
CA ALA D 124 9.75 6.70 9.74
C ALA D 124 9.63 7.91 10.69
N PRO D 125 10.68 8.75 10.78
CA PRO D 125 10.60 9.92 11.66
C PRO D 125 9.39 10.81 11.36
N MET D 126 9.12 11.03 10.07
CA MET D 126 7.99 11.87 9.68
C MET D 126 6.65 11.15 9.88
N LYS D 127 6.62 9.87 9.52
CA LYS D 127 5.43 9.05 9.63
C LYS D 127 5.07 8.69 11.07
N VAL D 128 6.04 8.11 11.77
CA VAL D 128 5.83 7.68 13.15
C VAL D 128 5.93 8.78 14.21
N ARG D 129 7.01 9.54 14.22
CA ARG D 129 7.17 10.59 15.22
C ARG D 129 6.53 11.94 14.83
N LYS D 130 5.96 11.98 13.63
CA LYS D 130 5.29 13.18 13.12
C LYS D 130 6.13 14.44 13.11
N TRP D 131 7.40 14.33 12.72
CA TRP D 131 8.26 15.51 12.64
C TRP D 131 7.99 16.13 11.29
N PRO D 132 7.94 17.48 11.21
CA PRO D 132 7.70 18.04 9.88
C PRO D 132 8.92 17.73 9.00
N ARG D 133 8.74 17.75 7.69
CA ARG D 133 9.84 17.45 6.77
C ARG D 133 11.14 18.17 7.12
N GLU D 134 11.04 19.45 7.43
CA GLU D 134 12.21 20.26 7.77
C GLU D 134 13.00 19.77 8.98
N LYS D 135 12.30 19.29 10.01
CA LYS D 135 12.98 18.81 11.21
C LYS D 135 13.59 17.42 10.99
N ALA D 136 12.95 16.62 10.15
CA ALA D 136 13.43 15.28 9.85
C ALA D 136 14.63 15.32 8.93
N GLU D 137 14.54 16.09 7.86
CA GLU D 137 15.63 16.21 6.89
C GLU D 137 16.89 16.81 7.50
N ALA D 138 16.71 17.79 8.38
CA ALA D 138 17.86 18.41 9.02
C ALA D 138 18.59 17.36 9.85
N LYS D 139 17.84 16.60 10.63
CA LYS D 139 18.43 15.57 11.46
C LYS D 139 19.02 14.44 10.62
N ALA D 140 18.44 14.22 9.43
CA ALA D 140 18.92 13.18 8.54
C ALA D 140 20.27 13.59 7.95
N MET D 141 20.44 14.90 7.73
CA MET D 141 21.70 15.40 7.19
C MET D 141 22.81 15.32 8.25
N GLU D 142 22.45 15.51 9.52
CA GLU D 142 23.41 15.45 10.60
C GLU D 142 23.97 14.04 10.68
N LEU D 143 23.07 13.06 10.61
CA LEU D 143 23.45 11.65 10.68
C LEU D 143 24.26 11.23 9.45
N LEU D 144 23.86 11.70 8.26
CA LEU D 144 24.58 11.36 7.03
C LEU D 144 26.00 11.85 7.17
N ASP D 145 26.16 13.04 7.74
CA ASP D 145 27.48 13.58 7.93
C ASP D 145 28.25 12.75 8.95
N LYS D 146 27.56 12.33 10.01
CA LYS D 146 28.17 11.54 11.06
C LYS D 146 28.72 10.22 10.51
N VAL D 147 28.02 9.67 9.52
CA VAL D 147 28.47 8.42 8.92
C VAL D 147 29.29 8.71 7.68
N GLY D 148 29.58 9.99 7.46
CA GLY D 148 30.40 10.42 6.33
C GLY D 148 29.80 10.36 4.94
N LEU D 149 28.47 10.37 4.84
CA LEU D 149 27.83 10.29 3.52
C LEU D 149 26.85 11.41 3.23
N LYS D 150 27.14 12.61 3.74
CA LYS D 150 26.27 13.76 3.49
C LYS D 150 26.07 14.03 2.00
N ASP D 151 27.09 13.75 1.20
CA ASP D 151 27.04 13.98 -0.24
C ASP D 151 26.24 12.93 -1.01
N LYS D 152 25.66 11.96 -0.30
CA LYS D 152 24.87 10.90 -0.92
C LYS D 152 23.38 11.06 -0.64
N ALA D 153 23.02 12.13 0.06
CA ALA D 153 21.63 12.41 0.44
C ALA D 153 20.59 12.18 -0.67
N HIS D 154 20.89 12.62 -1.88
CA HIS D 154 19.93 12.47 -2.95
C HIS D 154 20.17 11.33 -3.92
N ALA D 155 21.10 10.45 -3.56
CA ALA D 155 21.39 9.29 -4.37
C ALA D 155 20.40 8.16 -4.02
N TYR D 156 20.36 7.12 -4.82
CA TYR D 156 19.47 5.98 -4.56
C TYR D 156 20.32 4.80 -4.09
N PRO D 157 19.73 3.90 -3.30
CA PRO D 157 20.46 2.73 -2.79
C PRO D 157 21.26 1.94 -3.82
N ASP D 158 20.70 1.74 -5.01
CA ASP D 158 21.41 0.97 -6.04
C ASP D 158 22.75 1.58 -6.47
N SER D 159 22.95 2.86 -6.17
CA SER D 159 24.19 3.54 -6.55
C SER D 159 25.24 3.53 -5.44
N LEU D 160 24.89 2.92 -4.31
CA LEU D 160 25.79 2.83 -3.16
C LEU D 160 26.62 1.55 -3.14
N SER D 161 27.80 1.62 -2.54
CA SER D 161 28.63 0.43 -2.42
C SER D 161 28.11 -0.26 -1.15
N GLY D 162 28.53 -1.51 -0.92
CA GLY D 162 28.06 -2.21 0.25
C GLY D 162 28.35 -1.43 1.51
N GLY D 163 29.57 -0.91 1.61
CA GLY D 163 29.99 -0.16 2.77
C GLY D 163 29.16 1.09 3.01
N GLN D 164 28.84 1.83 1.94
CA GLN D 164 28.05 3.04 2.08
C GLN D 164 26.62 2.74 2.49
N ALA D 165 26.01 1.76 1.83
CA ALA D 165 24.65 1.36 2.11
C ALA D 165 24.47 0.92 3.58
N GLN D 166 25.45 0.20 4.12
CA GLN D 166 25.35 -0.26 5.49
C GLN D 166 25.42 0.92 6.45
N ARG D 167 26.17 1.95 6.06
CA ARG D 167 26.30 3.13 6.90
C ARG D 167 25.02 3.95 6.85
N VAL D 168 24.33 3.91 5.71
CA VAL D 168 23.08 4.64 5.57
C VAL D 168 22.00 3.88 6.34
N ALA D 169 22.10 2.55 6.33
CA ALA D 169 21.16 1.71 7.07
C ALA D 169 21.25 2.08 8.56
N ILE D 170 22.47 2.35 9.01
CA ILE D 170 22.69 2.74 10.40
C ILE D 170 22.14 4.14 10.63
N ALA D 171 22.40 5.03 9.68
CA ALA D 171 21.89 6.40 9.77
C ALA D 171 20.36 6.38 9.85
N ARG D 172 19.74 5.53 9.05
CA ARG D 172 18.30 5.40 9.01
C ARG D 172 17.71 4.95 10.34
N ALA D 173 18.31 3.91 10.92
CA ALA D 173 17.85 3.37 12.19
C ALA D 173 17.96 4.40 13.31
N LEU D 174 19.04 5.18 13.28
CA LEU D 174 19.29 6.20 14.30
C LEU D 174 18.38 7.42 14.14
N ALA D 175 17.80 7.58 12.95
CA ALA D 175 16.91 8.69 12.65
C ALA D 175 15.72 8.73 13.59
N MET D 176 15.32 7.55 14.06
CA MET D 176 14.20 7.43 14.99
C MET D 176 14.63 7.73 16.43
N GLU D 177 15.92 7.99 16.62
CA GLU D 177 16.49 8.26 17.95
C GLU D 177 16.08 7.15 18.92
N PRO D 178 16.48 5.91 18.62
CA PRO D 178 16.14 4.78 19.49
C PRO D 178 17.00 4.73 20.75
N LYS D 179 16.56 3.94 21.72
CA LYS D 179 17.30 3.77 22.97
C LYS D 179 18.19 2.54 22.87
N ILE D 180 17.86 1.66 21.93
CA ILE D 180 18.63 0.44 21.70
C ILE D 180 18.91 0.28 20.20
N MET D 181 20.12 -0.21 19.88
CA MET D 181 20.51 -0.45 18.50
C MET D 181 20.98 -1.90 18.36
N LEU D 182 20.30 -2.68 17.51
CA LEU D 182 20.64 -4.07 17.29
C LEU D 182 21.37 -4.18 15.95
N PHE D 183 22.37 -5.05 15.88
CA PHE D 183 23.13 -5.24 14.65
C PHE D 183 23.31 -6.72 14.37
N ASP D 184 22.70 -7.20 13.30
CA ASP D 184 22.87 -8.61 12.98
C ASP D 184 23.95 -8.76 11.92
N GLU D 185 25.16 -9.10 12.36
CA GLU D 185 26.29 -9.31 11.47
C GLU D 185 26.30 -8.35 10.28
N PRO D 186 26.39 -7.04 10.57
CA PRO D 186 26.39 -5.96 9.57
C PRO D 186 27.54 -5.88 8.56
N THR D 187 28.63 -6.59 8.79
CA THR D 187 29.76 -6.53 7.86
C THR D 187 30.09 -7.88 7.26
N SER D 188 29.47 -8.93 7.79
CA SER D 188 29.73 -10.28 7.32
C SER D 188 29.64 -10.41 5.80
N ALA D 189 28.74 -9.64 5.19
CA ALA D 189 28.56 -9.69 3.75
C ALA D 189 29.52 -8.78 2.97
N LEU D 190 30.09 -7.77 3.62
CA LEU D 190 30.98 -6.85 2.92
C LEU D 190 32.35 -7.43 2.59
N ASP D 191 32.96 -6.89 1.53
CA ASP D 191 34.29 -7.30 1.14
C ASP D 191 35.17 -6.73 2.26
N PRO D 192 36.38 -7.27 2.47
CA PRO D 192 37.25 -6.76 3.53
C PRO D 192 37.61 -5.29 3.36
N GLU D 193 37.42 -4.75 2.16
CA GLU D 193 37.73 -3.34 1.88
C GLU D 193 36.72 -2.40 2.54
N MET D 194 35.45 -2.82 2.58
CA MET D 194 34.39 -2.00 3.13
C MET D 194 33.98 -2.31 4.58
N VAL D 195 34.65 -3.28 5.19
CA VAL D 195 34.34 -3.64 6.57
C VAL D 195 34.67 -2.50 7.53
N GLY D 196 35.82 -1.88 7.32
CA GLY D 196 36.28 -0.80 8.18
C GLY D 196 35.36 0.37 8.39
N GLU D 197 34.91 0.99 7.30
CA GLU D 197 34.02 2.14 7.39
C GLU D 197 32.74 1.86 8.19
N VAL D 198 32.31 0.60 8.19
CA VAL D 198 31.09 0.25 8.93
C VAL D 198 31.35 0.06 10.42
N LEU D 199 32.42 -0.65 10.76
CA LEU D 199 32.79 -0.89 12.15
C LEU D 199 33.18 0.45 12.79
N SER D 200 33.77 1.32 11.99
CA SER D 200 34.20 2.64 12.44
C SER D 200 32.99 3.41 12.97
N VAL D 201 31.92 3.42 12.20
CA VAL D 201 30.70 4.12 12.60
C VAL D 201 30.14 3.49 13.87
N MET D 202 30.21 2.15 13.95
CA MET D 202 29.72 1.43 15.11
C MET D 202 30.54 1.78 16.34
N LYS D 203 31.84 1.92 16.17
CA LYS D 203 32.71 2.27 17.29
C LYS D 203 32.34 3.66 17.79
N GLN D 204 32.14 4.58 16.85
CA GLN D 204 31.78 5.95 17.18
C GLN D 204 30.43 5.96 17.91
N LEU D 205 29.53 5.08 17.51
CA LEU D 205 28.22 5.00 18.13
C LEU D 205 28.35 4.46 19.56
N ALA D 206 29.30 3.54 19.74
CA ALA D 206 29.54 2.96 21.06
C ALA D 206 30.07 4.03 22.01
N ASN D 207 30.99 4.86 21.50
CA ASN D 207 31.59 5.94 22.30
C ASN D 207 30.58 6.98 22.73
N GLU D 208 29.42 7.01 22.06
CA GLU D 208 28.37 7.96 22.36
C GLU D 208 27.40 7.46 23.42
N GLY D 209 27.64 6.26 23.94
CA GLY D 209 26.77 5.73 24.99
C GLY D 209 25.50 5.00 24.60
N MET D 210 25.35 4.69 23.31
CA MET D 210 24.17 3.97 22.83
C MET D 210 24.18 2.52 23.32
N THR D 211 23.04 2.05 23.83
CA THR D 211 22.92 0.66 24.26
C THR D 211 22.92 -0.14 22.97
N MET D 212 23.86 -1.08 22.84
CA MET D 212 23.96 -1.86 21.61
C MET D 212 24.07 -3.35 21.83
N VAL D 213 23.52 -4.12 20.89
CA VAL D 213 23.60 -5.58 20.89
C VAL D 213 24.06 -5.90 19.48
N VAL D 214 25.23 -6.53 19.38
CA VAL D 214 25.83 -6.85 18.10
C VAL D 214 26.21 -8.31 17.90
N VAL D 215 25.64 -8.93 16.87
CA VAL D 215 25.98 -10.31 16.54
C VAL D 215 27.06 -10.13 15.50
N THR D 216 28.21 -10.75 15.73
CA THR D 216 29.32 -10.60 14.80
C THR D 216 30.35 -11.71 14.94
N HIS D 217 31.16 -11.88 13.90
CA HIS D 217 32.21 -12.88 13.88
C HIS D 217 33.56 -12.16 13.90
N GLU D 218 33.51 -10.83 13.81
CA GLU D 218 34.71 -9.99 13.85
C GLU D 218 35.13 -9.83 15.30
N MET D 219 35.90 -10.79 15.80
CA MET D 219 36.35 -10.79 17.19
C MET D 219 37.24 -9.61 17.59
N GLY D 220 37.82 -8.92 16.61
CA GLY D 220 38.64 -7.77 16.91
C GLY D 220 37.78 -6.61 17.39
N PHE D 221 36.59 -6.52 16.82
CA PHE D 221 35.62 -5.47 17.19
C PHE D 221 35.06 -5.75 18.56
N ALA D 222 34.78 -7.03 18.84
CA ALA D 222 34.23 -7.45 20.11
C ALA D 222 35.17 -7.08 21.26
N ARG D 223 36.45 -7.42 21.12
CA ARG D 223 37.42 -7.13 22.16
C ARG D 223 37.54 -5.63 22.44
N GLU D 224 37.67 -4.85 21.38
CA GLU D 224 37.83 -3.39 21.47
C GLU D 224 36.64 -2.56 21.93
N VAL D 225 35.47 -2.80 21.34
CA VAL D 225 34.28 -2.02 21.66
C VAL D 225 33.27 -2.70 22.57
N GLY D 226 33.33 -4.02 22.68
CA GLY D 226 32.37 -4.72 23.51
C GLY D 226 32.57 -4.60 25.01
N ASP D 227 31.51 -4.27 25.74
CA ASP D 227 31.59 -4.18 27.19
C ASP D 227 31.42 -5.59 27.74
N ARG D 228 30.68 -6.41 27.00
CA ARG D 228 30.40 -7.76 27.42
C ARG D 228 30.21 -8.65 26.20
N VAL D 229 30.53 -9.93 26.34
CA VAL D 229 30.37 -10.86 25.23
C VAL D 229 29.48 -12.02 25.68
N LEU D 230 28.52 -12.38 24.83
CA LEU D 230 27.60 -13.47 25.11
C LEU D 230 27.85 -14.63 24.14
N PHE D 231 28.28 -15.77 24.68
CA PHE D 231 28.53 -16.95 23.87
C PHE D 231 27.28 -17.81 23.79
N MET D 232 26.58 -17.73 22.66
CA MET D 232 25.37 -18.52 22.42
C MET D 232 25.72 -19.79 21.67
N ASP D 233 25.11 -20.89 22.08
CA ASP D 233 25.35 -22.16 21.43
C ASP D 233 24.16 -23.08 21.60
N GLY D 234 23.51 -23.40 20.48
CA GLY D 234 22.36 -24.27 20.51
C GLY D 234 21.19 -23.77 21.34
N GLY D 235 20.92 -22.47 21.29
CA GLY D 235 19.80 -21.91 22.02
C GLY D 235 19.98 -21.63 23.50
N TYR D 236 21.22 -21.65 23.96
CA TYR D 236 21.53 -21.38 25.36
C TYR D 236 22.72 -20.44 25.44
N ILE D 237 22.78 -19.68 26.52
CA ILE D 237 23.91 -18.78 26.74
C ILE D 237 24.88 -19.61 27.58
N ILE D 238 25.85 -20.23 26.92
CA ILE D 238 26.84 -21.06 27.60
C ILE D 238 27.77 -20.28 28.52
N GLU D 239 28.18 -19.09 28.09
CA GLU D 239 29.08 -18.29 28.90
C GLU D 239 28.89 -16.79 28.64
N GLU D 240 29.22 -15.99 29.65
CA GLU D 240 29.10 -14.55 29.55
C GLU D 240 30.25 -13.89 30.31
N GLY D 241 30.68 -12.71 29.85
CA GLY D 241 31.77 -12.03 30.53
C GLY D 241 32.47 -10.97 29.71
N LYS D 242 33.31 -10.16 30.36
CA LYS D 242 34.04 -9.12 29.64
C LYS D 242 34.83 -9.79 28.51
N PRO D 243 34.98 -9.10 27.37
CA PRO D 243 35.71 -9.61 26.20
C PRO D 243 37.03 -10.28 26.55
N GLU D 244 37.89 -9.54 27.24
CA GLU D 244 39.20 -10.06 27.64
C GLU D 244 39.11 -11.38 28.38
N ASP D 245 38.24 -11.44 29.38
CA ASP D 245 38.06 -12.65 30.18
C ASP D 245 37.52 -13.85 29.40
N LEU D 246 36.54 -13.60 28.53
CA LEU D 246 35.94 -14.68 27.76
C LEU D 246 36.79 -15.18 26.59
N PHE D 247 37.53 -14.28 25.96
CA PHE D 247 38.38 -14.67 24.84
C PHE D 247 39.69 -15.27 25.36
N ASP D 248 40.29 -14.60 26.34
CA ASP D 248 41.57 -15.03 26.90
C ASP D 248 41.53 -16.13 27.97
N ARG D 249 40.52 -16.13 28.82
CA ARG D 249 40.43 -17.15 29.85
C ARG D 249 39.03 -17.74 30.01
N PRO D 250 38.46 -18.28 28.91
CA PRO D 250 37.12 -18.87 28.97
C PRO D 250 37.08 -19.99 30.01
N GLN D 251 35.92 -20.18 30.62
CA GLN D 251 35.79 -21.22 31.65
C GLN D 251 35.17 -22.51 31.17
N HIS D 252 34.27 -22.43 30.19
CA HIS D 252 33.63 -23.62 29.66
C HIS D 252 34.42 -24.14 28.47
N GLU D 253 34.57 -25.46 28.39
CA GLU D 253 35.30 -26.08 27.31
C GLU D 253 34.62 -25.85 25.95
N ARG D 254 33.31 -25.64 25.96
CA ARG D 254 32.58 -25.39 24.72
C ARG D 254 33.00 -24.01 24.18
N THR D 255 33.26 -23.08 25.09
CA THR D 255 33.67 -21.74 24.74
C THR D 255 35.08 -21.78 24.15
N LYS D 256 35.95 -22.58 24.76
CA LYS D 256 37.32 -22.73 24.30
C LYS D 256 37.32 -23.43 22.95
N ALA D 257 36.46 -24.44 22.84
CA ALA D 257 36.32 -25.19 21.60
C ALA D 257 35.98 -24.27 20.44
N PHE D 258 34.99 -23.41 20.66
CA PHE D 258 34.52 -22.47 19.63
C PHE D 258 35.57 -21.43 19.24
N LEU D 259 36.25 -20.88 20.25
CA LEU D 259 37.26 -19.85 20.01
C LEU D 259 38.50 -20.39 19.29
N SER D 260 38.89 -21.60 19.62
CA SER D 260 40.06 -22.20 19.00
C SER D 260 39.84 -22.48 17.52
N LYS D 261 38.58 -22.49 17.11
CA LYS D 261 38.23 -22.75 15.72
C LYS D 261 38.11 -21.51 14.82
N VAL D 262 38.01 -20.32 15.43
CA VAL D 262 37.94 -19.07 14.67
C VAL D 262 39.41 -18.89 14.32
N PHE D 263 40.21 -19.73 15.00
CA PHE D 263 41.64 -19.85 14.74
C PHE D 263 41.90 -20.98 13.70
#